data_8JVA
#
_entry.id   8JVA
#
_cell.length_a   1.00
_cell.length_b   1.00
_cell.length_c   1.00
_cell.angle_alpha   90.00
_cell.angle_beta   90.00
_cell.angle_gamma   90.00
#
_symmetry.space_group_name_H-M   'P 1'
#
loop_
_entity.id
_entity.type
_entity.pdbx_description
1 polymer 'nanobody N235'
2 polymer 'S2L20 light chain'
3 polymer 'S2L20 heavy chain'
4 polymer "Spike protein S2'"
5 non-polymer 2-acetamido-2-deoxy-beta-D-glucopyranose
#
loop_
_entity_poly.entity_id
_entity_poly.type
_entity_poly.pdbx_seq_one_letter_code
_entity_poly.pdbx_strand_id
1 'polypeptide(L)'
;QVQLQESGGGLVQPGGSLRLSCAASGLIISRYDMSWYRQAPGKERELVATTPIPAARPQYADSVKGRFTISRDNAKNTVS
LQMNSLKPEDTAVYYCNLGPESQDHNYNYWGQGTQVTVSSHHHHHH
;
D
2 'polypeptide(L)'
;METDTLLLWVLLLWVPGSTGDVIWMTQSPSSLSASVGDRVTITCQASQDIRFYLNWYQQKPGKAPKLLISDASNMETGVP
SRFSGSGSGTDFTFTISSLQPEDIATYYCQQYDNLPFTFGPGTKVDFKRTVAAPSVFIFPPSDEQLKSGTASVVCLLNNF
YPREAKVQWKVDNALQSGNSQESVTEQDSKDSTYSLSSTLTLSKADYEKHKVYACEVTHQGLSSPVTKSFNRGECS
;
A
3 'polypeptide(L)'
;METDTLLLWVLLLWVPGSTGDEVQLVESGGGVVQPGGSLRLSCAASGFTFNSYGMHWVRQAPGKGLEWVAFIRYDGGNKY
YADSVKGRFTISRDNSKNTLYLQMKSLRAEDTAVYYCANLKDSRYSGSYYDYWGQGTLVTVSSASTKGPSVFPLAPSSKS
TSGGTAALGCLVKDYFPEPVTVSWNSGALTSGVHTFPAVLQSSGLYSLSSVVTVPSSSLGTQTYICNVNHKPSNTKVDKR
VEPKSCDKTHTCPPCPAPELLGGPSVFLFPPKPKDTLMISRTPEVTCVVVDVSHEDPEVKFNWYVDGVEVHNAKTKPREE
QYNSTYRVVSVLTVLHQDWLNGKEYKCKVSNKALPAPIEKTISKAKGQPREPQVYTLPPSRDELTKNQVSLTCLVKGFYP
SDIAVEWESNGQPENNYKTTPPVLDSDGSFFLYSKLTVDKSRWQQGNVFSCSVMHEALHNHYTQKSLSLSPGK
;
B
4 'polypeptide(L)'
;MFVFLVLLPLVSSQCVNLTTRTQLPPAYTNSFTRGVYYPDKVFRSSVLHSTQDLFLPFFSNVTWFHVISGTNGTKRFDNP
VLPFNDGVYFASIEKSNIIRGWIFGTTLDSKTQSLLIVNNATNVVIKVCEFQFCNDPFLDHKNNKSWMESEFRVYSSANN
CTFEYVSQPFLMDLEGKQGNFKNLREFVFKNIDGYFKIYSKHTPIIVREPEDLPQGFSALEPLVDLPIGINITRFQTLLA
LHRSYLTPGDSSSGWTAGAAAYYVGYLQPRTFLLKYNENGTITDAVDCALDPLSETKCTL
;
F
#
# COMPACT_ATOMS: atom_id res chain seq x y z
N GLN A 1 -25.27 35.30 -24.99
CA GLN A 1 -25.63 35.55 -26.38
C GLN A 1 -25.97 34.26 -27.11
N VAL A 2 -26.67 33.35 -26.40
CA VAL A 2 -27.08 32.09 -27.00
C VAL A 2 -28.21 32.34 -27.98
N GLN A 3 -28.13 31.69 -29.14
CA GLN A 3 -29.16 31.85 -30.17
C GLN A 3 -29.28 30.55 -30.94
N LEU A 4 -30.50 30.03 -31.03
CA LEU A 4 -30.79 28.75 -31.68
C LEU A 4 -31.76 28.98 -32.83
N GLN A 5 -31.41 28.50 -34.01
CA GLN A 5 -32.25 28.62 -35.19
C GLN A 5 -32.52 27.23 -35.76
N GLU A 6 -33.79 26.88 -35.88
CA GLU A 6 -34.16 25.59 -36.43
C GLU A 6 -34.66 25.74 -37.87
N SER A 7 -34.33 24.76 -38.69
CA SER A 7 -34.69 24.79 -40.11
C SER A 7 -35.18 23.41 -40.53
N GLY A 8 -36.07 23.39 -41.50
CA GLY A 8 -36.62 22.16 -42.02
C GLY A 8 -37.99 21.86 -41.47
N GLY A 9 -39.02 22.00 -42.30
CA GLY A 9 -40.37 21.71 -41.87
C GLY A 9 -41.37 22.30 -42.85
N GLY A 10 -42.62 21.89 -42.66
CA GLY A 10 -43.69 22.32 -43.53
C GLY A 10 -44.74 21.24 -43.65
N LEU A 11 -45.42 21.24 -44.79
CA LEU A 11 -46.52 20.33 -45.08
C LEU A 11 -46.02 19.11 -45.82
N VAL A 12 -46.34 17.92 -45.31
CA VAL A 12 -45.92 16.68 -45.93
C VAL A 12 -47.05 15.66 -45.86
N GLN A 13 -46.99 14.67 -46.74
CA GLN A 13 -47.92 13.56 -46.72
C GLN A 13 -47.56 12.60 -45.58
N PRO A 14 -48.51 11.75 -45.17
CA PRO A 14 -48.21 10.80 -44.09
C PRO A 14 -47.07 9.87 -44.46
N GLY A 15 -46.27 9.53 -43.47
CA GLY A 15 -45.16 8.62 -43.66
C GLY A 15 -44.05 9.14 -44.56
N GLY A 16 -43.64 10.38 -44.37
CA GLY A 16 -42.60 10.99 -45.16
C GLY A 16 -41.22 10.85 -44.53
N SER A 17 -40.32 11.75 -44.92
CA SER A 17 -38.97 11.77 -44.39
C SER A 17 -38.48 13.20 -44.36
N LEU A 18 -38.23 13.73 -43.16
CA LEU A 18 -37.80 15.10 -42.98
C LEU A 18 -36.50 15.13 -42.19
N ARG A 19 -35.67 16.14 -42.48
CA ARG A 19 -34.43 16.36 -41.75
C ARG A 19 -34.44 17.77 -41.17
N LEU A 20 -34.53 17.85 -39.86
CA LEU A 20 -34.56 19.12 -39.13
C LEU A 20 -33.16 19.42 -38.62
N SER A 21 -32.68 20.63 -38.90
CA SER A 21 -31.34 21.04 -38.54
C SER A 21 -31.39 22.18 -37.53
N CYS A 22 -30.45 22.18 -36.59
CA CYS A 22 -30.38 23.19 -35.55
C CYS A 22 -29.02 23.87 -35.62
N ALA A 23 -29.03 25.20 -35.72
CA ALA A 23 -27.82 26.01 -35.74
C ALA A 23 -27.73 26.75 -34.41
N ALA A 24 -26.62 26.56 -33.70
CA ALA A 24 -26.42 27.15 -32.38
C ALA A 24 -25.26 28.13 -32.43
N SER A 25 -25.49 29.33 -31.89
CA SER A 25 -24.46 30.35 -31.79
C SER A 25 -24.32 30.79 -30.34
N GLY A 26 -23.08 30.91 -29.88
CA GLY A 26 -22.81 31.22 -28.49
C GLY A 26 -22.80 30.03 -27.57
N LEU A 27 -22.89 28.83 -28.10
CA LEU A 27 -22.98 27.61 -27.31
C LEU A 27 -22.14 26.53 -27.97
N ILE A 28 -21.48 25.71 -27.15
CA ILE A 28 -20.67 24.59 -27.62
C ILE A 28 -21.41 23.30 -27.27
N ILE A 29 -21.81 22.55 -28.30
CA ILE A 29 -22.60 21.36 -28.10
C ILE A 29 -21.81 20.24 -27.43
N SER A 30 -20.48 20.27 -27.54
CA SER A 30 -19.67 19.16 -27.04
C SER A 30 -19.74 19.03 -25.54
N ARG A 31 -20.26 20.04 -24.84
CA ARG A 31 -20.20 20.08 -23.39
C ARG A 31 -21.52 19.76 -22.71
N TYR A 32 -22.62 19.66 -23.45
CA TYR A 32 -23.94 19.54 -22.86
C TYR A 32 -24.72 18.40 -23.51
N ASP A 33 -25.72 17.92 -22.79
CA ASP A 33 -26.65 16.91 -23.30
C ASP A 33 -27.84 17.61 -23.94
N MET A 34 -27.95 17.52 -25.26
CA MET A 34 -28.97 18.23 -26.02
C MET A 34 -30.21 17.35 -26.22
N SER A 35 -31.29 17.98 -26.65
CA SER A 35 -32.56 17.28 -26.76
C SER A 35 -33.41 17.92 -27.85
N TRP A 36 -34.51 17.24 -28.19
CA TRP A 36 -35.51 17.75 -29.11
C TRP A 36 -36.87 17.68 -28.44
N TYR A 37 -37.59 18.81 -28.45
CA TYR A 37 -38.85 18.98 -27.75
C TYR A 37 -39.97 19.24 -28.75
N ARG A 38 -41.20 19.02 -28.31
CA ARG A 38 -42.37 19.19 -29.16
C ARG A 38 -43.53 19.75 -28.33
N GLN A 39 -44.30 20.66 -28.93
CA GLN A 39 -45.52 21.09 -28.26
C GLN A 39 -46.66 21.14 -29.26
N ALA A 40 -47.84 20.72 -28.81
CA ALA A 40 -49.02 20.57 -29.65
C ALA A 40 -50.18 21.37 -29.08
N PRO A 41 -51.16 21.75 -29.91
CA PRO A 41 -52.28 22.56 -29.42
C PRO A 41 -53.01 21.88 -28.27
N GLY A 42 -52.96 22.52 -27.10
CA GLY A 42 -53.59 21.98 -25.91
C GLY A 42 -52.86 20.83 -25.26
N LYS A 43 -51.64 20.53 -25.69
CA LYS A 43 -50.88 19.40 -25.18
C LYS A 43 -49.73 19.83 -24.27
N GLU A 44 -49.64 21.12 -23.95
CA GLU A 44 -48.58 21.67 -23.09
C GLU A 44 -47.24 21.38 -23.76
N ARG A 45 -46.27 20.77 -23.08
CA ARG A 45 -45.01 20.41 -23.71
C ARG A 45 -44.57 19.05 -23.19
N GLU A 46 -44.06 18.22 -24.11
CA GLU A 46 -43.60 16.89 -23.77
C GLU A 46 -42.30 16.60 -24.51
N LEU A 47 -41.39 15.91 -23.82
CA LEU A 47 -40.09 15.59 -24.40
C LEU A 47 -40.23 14.59 -25.53
N VAL A 48 -39.35 14.71 -26.52
CA VAL A 48 -39.32 13.82 -27.68
C VAL A 48 -38.04 13.01 -27.74
N ALA A 49 -36.89 13.67 -27.73
CA ALA A 49 -35.65 12.94 -27.93
C ALA A 49 -34.51 13.56 -27.12
N THR A 50 -33.48 12.77 -26.86
CA THR A 50 -32.33 13.19 -26.08
C THR A 50 -31.07 12.55 -26.64
N THR A 51 -29.96 13.27 -26.62
CA THR A 51 -28.69 12.80 -27.17
C THR A 51 -27.56 13.03 -26.17
N PRO A 52 -27.24 12.04 -25.35
CA PRO A 52 -26.26 12.26 -24.28
C PRO A 52 -24.83 12.37 -24.79
N ILE A 53 -23.89 12.55 -23.85
CA ILE A 53 -22.47 12.63 -24.15
C ILE A 53 -22.02 11.29 -24.72
N PRO A 54 -21.02 11.27 -25.62
CA PRO A 54 -20.54 10.00 -26.17
C PRO A 54 -20.27 8.91 -25.15
N ALA A 55 -20.21 7.67 -25.63
CA ALA A 55 -20.18 6.46 -24.81
C ALA A 55 -21.49 6.31 -24.04
N ALA A 56 -22.59 6.72 -24.66
CA ALA A 56 -23.93 6.53 -24.13
C ALA A 56 -24.91 6.56 -25.28
N ARG A 57 -26.08 5.98 -25.07
CA ARG A 57 -26.98 5.83 -26.19
C ARG A 57 -28.13 6.84 -26.12
N PRO A 58 -28.78 7.13 -27.26
CA PRO A 58 -29.98 7.96 -27.22
C PRO A 58 -31.11 7.32 -26.42
N GLN A 59 -31.91 8.16 -25.76
CA GLN A 59 -33.07 7.73 -25.00
C GLN A 59 -34.30 8.45 -25.53
N TYR A 60 -35.15 7.72 -26.24
CA TYR A 60 -36.38 8.27 -26.81
C TYR A 60 -37.50 8.25 -25.78
N ALA A 61 -38.72 8.50 -26.25
CA ALA A 61 -39.91 8.31 -25.44
C ALA A 61 -40.58 6.99 -25.80
N ASP A 62 -41.49 6.56 -24.94
CA ASP A 62 -42.15 5.26 -25.14
C ASP A 62 -43.01 5.27 -26.39
N SER A 63 -43.72 6.36 -26.66
CA SER A 63 -44.68 6.42 -27.75
C SER A 63 -44.08 6.92 -29.06
N VAL A 64 -42.76 7.08 -29.13
CA VAL A 64 -42.14 7.61 -30.33
C VAL A 64 -41.04 6.68 -30.82
N LYS A 65 -40.99 5.48 -30.25
CA LYS A 65 -39.87 4.57 -30.50
C LYS A 65 -39.84 4.14 -31.97
N GLY A 66 -38.63 4.05 -32.53
CA GLY A 66 -38.45 3.59 -33.88
C GLY A 66 -39.05 4.46 -34.95
N ARG A 67 -39.08 5.77 -34.76
CA ARG A 67 -39.59 6.67 -35.78
C ARG A 67 -38.72 7.92 -36.01
N PHE A 68 -37.70 8.15 -35.21
CA PHE A 68 -36.80 9.28 -35.40
C PHE A 68 -35.37 8.86 -35.11
N THR A 69 -34.43 9.55 -35.73
CA THR A 69 -33.01 9.34 -35.46
C THR A 69 -32.34 10.69 -35.22
N ILE A 70 -31.29 10.69 -34.41
CA ILE A 70 -30.63 11.93 -34.02
C ILE A 70 -29.17 11.86 -34.45
N SER A 71 -28.60 13.04 -34.72
CA SER A 71 -27.19 13.14 -35.04
C SER A 71 -26.61 14.38 -34.35
N ARG A 72 -25.30 14.36 -34.16
CA ARG A 72 -24.59 15.42 -33.47
C ARG A 72 -23.28 15.71 -34.20
N ASP A 73 -23.25 16.83 -34.93
CA ASP A 73 -22.05 17.26 -35.65
C ASP A 73 -21.39 18.34 -34.81
N ASN A 74 -20.32 17.95 -34.11
CA ASN A 74 -19.66 18.87 -33.18
C ASN A 74 -18.83 19.91 -33.91
N ALA A 75 -18.32 19.58 -35.10
CA ALA A 75 -17.41 20.49 -35.80
C ALA A 75 -18.11 21.79 -36.20
N LYS A 76 -19.34 21.70 -36.68
CA LYS A 76 -20.08 22.87 -37.16
C LYS A 76 -21.23 23.25 -36.24
N ASN A 77 -21.30 22.67 -35.03
CA ASN A 77 -22.35 22.96 -34.06
C ASN A 77 -23.73 22.71 -34.67
N THR A 78 -24.00 21.44 -34.98
CA THR A 78 -25.25 21.06 -35.62
C THR A 78 -25.88 19.89 -34.88
N VAL A 79 -27.19 19.98 -34.65
CA VAL A 79 -27.99 18.87 -34.17
C VAL A 79 -29.09 18.62 -35.18
N SER A 80 -29.20 17.38 -35.65
CA SER A 80 -30.12 17.06 -36.72
C SER A 80 -31.01 15.89 -36.31
N LEU A 81 -32.26 15.95 -36.77
CA LEU A 81 -33.25 14.91 -36.54
C LEU A 81 -33.77 14.42 -37.87
N GLN A 82 -33.67 13.11 -38.10
CA GLN A 82 -34.14 12.48 -39.32
C GLN A 82 -35.47 11.79 -39.02
N MET A 83 -36.46 12.03 -39.87
CA MET A 83 -37.85 11.67 -39.61
C MET A 83 -38.22 10.44 -40.41
N ASN A 84 -38.75 9.43 -39.74
CA ASN A 84 -39.32 8.26 -40.38
C ASN A 84 -40.82 8.47 -40.59
N SER A 85 -41.54 7.40 -40.89
CA SER A 85 -42.98 7.48 -41.06
C SER A 85 -43.67 7.87 -39.75
N LEU A 86 -44.74 8.65 -39.86
CA LEU A 86 -45.48 9.12 -38.69
C LEU A 86 -46.98 9.11 -38.98
N LYS A 87 -47.75 8.93 -37.92
CA LYS A 87 -49.19 9.08 -37.99
C LYS A 87 -49.55 10.55 -38.22
N PRO A 88 -50.71 10.83 -38.81
CA PRO A 88 -51.08 12.23 -39.05
C PRO A 88 -51.27 13.04 -37.78
N GLU A 89 -51.49 12.39 -36.64
CA GLU A 89 -51.70 13.07 -35.37
C GLU A 89 -50.40 13.60 -34.75
N ASP A 90 -49.30 13.62 -35.50
CA ASP A 90 -48.02 14.11 -35.02
C ASP A 90 -47.74 15.54 -35.45
N THR A 91 -48.72 16.24 -36.00
CA THR A 91 -48.52 17.63 -36.42
C THR A 91 -48.31 18.52 -35.21
N ALA A 92 -47.19 19.25 -35.20
CA ALA A 92 -46.87 20.13 -34.09
C ALA A 92 -45.70 21.03 -34.47
N VAL A 93 -45.24 21.79 -33.47
CA VAL A 93 -44.06 22.64 -33.59
C VAL A 93 -42.96 22.04 -32.72
N TYR A 94 -41.73 22.06 -33.25
CA TYR A 94 -40.60 21.35 -32.66
C TYR A 94 -39.49 22.32 -32.29
N TYR A 95 -38.94 22.15 -31.09
CA TYR A 95 -37.93 23.01 -30.51
C TYR A 95 -36.63 22.24 -30.27
N CYS A 96 -35.54 22.98 -30.17
CA CYS A 96 -34.19 22.44 -30.07
C CYS A 96 -33.44 23.19 -28.98
N ASN A 97 -33.12 22.49 -27.89
CA ASN A 97 -32.35 23.13 -26.82
C ASN A 97 -31.68 22.05 -25.97
N LEU A 98 -31.22 22.45 -24.79
CA LEU A 98 -30.53 21.55 -23.88
C LEU A 98 -31.53 20.60 -23.23
N GLY A 99 -31.02 19.46 -22.76
CA GLY A 99 -31.84 18.44 -22.16
C GLY A 99 -32.23 18.78 -20.75
N PRO A 100 -33.08 17.94 -20.16
CA PRO A 100 -33.56 18.20 -18.80
C PRO A 100 -32.46 18.20 -17.76
N GLU A 101 -31.37 17.47 -18.00
CA GLU A 101 -30.27 17.42 -17.05
C GLU A 101 -29.21 18.47 -17.30
N SER A 102 -29.42 19.35 -18.28
CA SER A 102 -28.49 20.41 -18.61
C SER A 102 -29.11 21.80 -18.46
N GLN A 103 -30.13 21.91 -17.63
CA GLN A 103 -30.84 23.17 -17.42
C GLN A 103 -30.88 23.47 -15.93
N ASP A 104 -30.67 24.74 -15.59
CA ASP A 104 -30.72 25.19 -14.20
C ASP A 104 -32.15 25.58 -13.81
N HIS A 105 -32.29 26.14 -12.62
CA HIS A 105 -33.58 26.67 -12.20
C HIS A 105 -33.94 27.93 -12.97
N ASN A 106 -32.96 28.79 -13.21
CA ASN A 106 -33.17 30.04 -13.93
C ASN A 106 -32.77 29.92 -15.39
N TYR A 107 -33.50 29.07 -16.12
CA TYR A 107 -33.33 28.93 -17.56
C TYR A 107 -34.68 29.02 -18.23
N ASN A 108 -34.95 30.16 -18.88
CA ASN A 108 -36.16 30.37 -19.66
C ASN A 108 -35.71 30.92 -21.01
N TYR A 109 -35.37 30.04 -21.93
CA TYR A 109 -35.01 30.44 -23.29
C TYR A 109 -35.57 29.43 -24.28
N TRP A 110 -36.18 29.95 -25.35
CA TRP A 110 -36.74 29.12 -26.40
C TRP A 110 -36.65 29.88 -27.71
N GLY A 111 -36.12 29.23 -28.73
CA GLY A 111 -36.01 29.85 -30.04
C GLY A 111 -37.35 29.93 -30.73
N GLN A 112 -37.31 30.30 -32.02
CA GLN A 112 -38.53 30.45 -32.79
C GLN A 112 -39.28 29.13 -32.92
N GLY A 113 -38.66 28.16 -33.58
CA GLY A 113 -39.28 26.86 -33.78
C GLY A 113 -39.66 26.63 -35.23
N THR A 114 -40.00 25.38 -35.53
CA THR A 114 -40.40 24.96 -36.86
C THR A 114 -41.72 24.20 -36.80
N GLN A 115 -42.57 24.45 -37.79
CA GLN A 115 -43.89 23.82 -37.89
C GLN A 115 -43.80 22.63 -38.83
N VAL A 116 -44.36 21.49 -38.42
CA VAL A 116 -44.48 20.35 -39.31
C VAL A 116 -45.92 19.86 -39.26
N THR A 117 -46.46 19.55 -40.44
CA THR A 117 -47.86 19.17 -40.54
C THR A 117 -47.97 18.00 -41.51
N VAL A 118 -48.84 17.06 -41.17
CA VAL A 118 -49.13 15.91 -42.01
C VAL A 118 -50.54 16.11 -42.59
N SER A 119 -50.62 16.13 -43.92
CA SER A 119 -51.87 16.36 -44.62
C SER A 119 -52.58 15.02 -44.86
N SER A 120 -53.76 14.86 -44.28
CA SER A 120 -54.51 13.63 -44.43
C SER A 120 -55.84 13.89 -45.14
N VAL B 22 -13.23 -8.51 12.64
CA VAL B 22 -11.81 -8.79 12.72
C VAL B 22 -11.52 -10.18 12.17
N ILE B 23 -10.29 -10.39 11.69
CA ILE B 23 -9.88 -11.63 11.07
C ILE B 23 -8.73 -12.23 11.86
N TRP B 24 -8.85 -13.51 12.20
CA TRP B 24 -7.78 -14.26 12.83
C TRP B 24 -6.97 -15.01 11.79
N MET B 25 -5.67 -15.14 12.05
CA MET B 25 -4.76 -15.83 11.14
C MET B 25 -4.03 -16.92 11.90
N THR B 26 -3.90 -18.09 11.28
CA THR B 26 -3.24 -19.22 11.90
C THR B 26 -2.21 -19.79 10.93
N GLN B 27 -1.07 -20.24 11.48
CA GLN B 27 -0.01 -20.84 10.67
C GLN B 27 0.32 -22.21 11.22
N SER B 28 0.81 -23.08 10.32
CA SER B 28 1.20 -24.43 10.72
C SER B 28 2.35 -24.92 9.85
N PRO B 29 3.38 -25.54 10.44
CA PRO B 29 3.57 -25.73 11.88
C PRO B 29 4.21 -24.53 12.57
N SER B 30 4.31 -24.59 13.91
CA SER B 30 4.93 -23.50 14.65
C SER B 30 6.45 -23.49 14.47
N SER B 31 7.08 -24.66 14.56
CA SER B 31 8.53 -24.77 14.42
C SER B 31 8.86 -26.00 13.58
N LEU B 32 9.83 -25.87 12.70
CA LEU B 32 10.15 -26.91 11.74
C LEU B 32 11.67 -27.06 11.63
N SER B 33 12.11 -28.29 11.34
CA SER B 33 13.52 -28.58 11.10
C SER B 33 13.62 -29.47 9.87
N ALA B 34 14.51 -29.13 8.95
CA ALA B 34 14.63 -29.85 7.69
C ALA B 34 16.09 -29.96 7.31
N SER B 35 16.40 -30.96 6.48
CA SER B 35 17.73 -31.21 5.97
C SER B 35 17.89 -30.62 4.58
N VAL B 36 19.12 -30.62 4.08
CA VAL B 36 19.41 -30.03 2.78
C VAL B 36 18.78 -30.86 1.69
N GLY B 37 18.07 -30.20 0.79
CA GLY B 37 17.41 -30.88 -0.31
C GLY B 37 16.01 -31.38 -0.01
N ASP B 38 15.41 -30.94 1.09
CA ASP B 38 14.08 -31.39 1.47
C ASP B 38 13.05 -30.31 1.16
N ARG B 39 11.92 -30.74 0.59
CA ARG B 39 10.82 -29.82 0.32
C ARG B 39 10.13 -29.44 1.62
N VAL B 40 9.84 -28.15 1.78
CA VAL B 40 9.23 -27.61 2.99
C VAL B 40 7.89 -26.98 2.61
N THR B 41 6.87 -27.24 3.42
CA THR B 41 5.53 -26.74 3.17
C THR B 41 4.96 -26.12 4.44
N ILE B 42 4.38 -24.93 4.30
CA ILE B 42 3.78 -24.19 5.41
C ILE B 42 2.35 -23.82 5.01
N THR B 43 1.45 -23.78 5.99
CA THR B 43 0.05 -23.49 5.71
C THR B 43 -0.42 -22.31 6.54
N CYS B 44 -1.28 -21.49 5.92
CA CYS B 44 -1.90 -20.34 6.57
C CYS B 44 -3.41 -20.41 6.38
N GLN B 45 -4.14 -20.09 7.44
CA GLN B 45 -5.59 -20.19 7.46
C GLN B 45 -6.20 -18.91 8.00
N ALA B 46 -7.38 -18.58 7.48
CA ALA B 46 -8.09 -17.35 7.78
C ALA B 46 -9.44 -17.65 8.42
N SER B 47 -9.99 -16.64 9.10
CA SER B 47 -11.29 -16.80 9.73
C SER B 47 -12.43 -16.70 8.72
N GLN B 48 -12.28 -15.87 7.70
CA GLN B 48 -13.30 -15.70 6.67
C GLN B 48 -12.64 -15.56 5.31
N ASP B 49 -13.45 -15.58 4.26
CA ASP B 49 -12.94 -15.53 2.90
C ASP B 49 -12.25 -14.19 2.64
N ILE B 50 -11.06 -14.26 2.04
CA ILE B 50 -10.28 -13.07 1.72
C ILE B 50 -9.81 -13.16 0.27
N ARG B 51 -10.37 -14.09 -0.49
CA ARG B 51 -10.06 -14.29 -1.91
C ARG B 51 -8.57 -14.56 -2.04
N PHE B 52 -7.84 -13.82 -2.88
CA PHE B 52 -6.41 -14.03 -3.07
C PHE B 52 -5.59 -12.83 -2.61
N TYR B 53 -6.04 -12.16 -1.55
CA TYR B 53 -5.37 -10.97 -1.03
C TYR B 53 -4.52 -11.37 0.17
N LEU B 54 -3.37 -11.97 -0.12
CA LEU B 54 -2.47 -12.48 0.91
C LEU B 54 -1.03 -12.15 0.53
N ASN B 55 -0.19 -11.98 1.56
CA ASN B 55 1.21 -11.69 1.39
C ASN B 55 2.05 -12.60 2.28
N TRP B 56 3.22 -12.99 1.79
CA TRP B 56 4.14 -13.85 2.53
C TRP B 56 5.46 -13.10 2.74
N TYR B 57 5.94 -13.08 3.98
CA TYR B 57 7.14 -12.34 4.36
C TYR B 57 8.23 -13.30 4.81
N GLN B 58 9.42 -12.73 5.06
CA GLN B 58 10.56 -13.48 5.56
C GLN B 58 11.46 -12.54 6.35
N GLN B 59 11.77 -12.92 7.59
CA GLN B 59 12.60 -12.08 8.45
C GLN B 59 13.66 -12.93 9.13
N LYS B 60 14.90 -12.44 9.12
CA LYS B 60 16.09 -12.92 9.79
C LYS B 60 16.37 -12.06 11.02
N PRO B 61 17.04 -12.62 12.05
CA PRO B 61 17.16 -11.90 13.31
C PRO B 61 17.88 -10.56 13.16
N GLY B 62 17.35 -9.55 13.84
CA GLY B 62 17.95 -8.23 13.84
C GLY B 62 17.78 -7.43 12.57
N LYS B 63 16.90 -7.85 11.66
CA LYS B 63 16.72 -7.16 10.40
C LYS B 63 15.24 -7.06 10.07
N ALA B 64 14.90 -6.08 9.24
CA ALA B 64 13.53 -5.86 8.84
C ALA B 64 13.06 -6.96 7.90
N PRO B 65 11.75 -7.22 7.85
CA PRO B 65 11.23 -8.28 6.99
C PRO B 65 11.39 -7.98 5.50
N LYS B 66 11.25 -9.03 4.71
CA LYS B 66 11.34 -8.97 3.25
C LYS B 66 10.17 -9.72 2.64
N LEU B 67 9.57 -9.13 1.61
CA LEU B 67 8.38 -9.70 0.99
C LEU B 67 8.76 -10.66 -0.13
N LEU B 68 8.09 -11.80 -0.16
CA LEU B 68 8.38 -12.88 -1.10
C LEU B 68 7.26 -13.12 -2.11
N ILE B 69 6.04 -13.36 -1.63
CA ILE B 69 4.92 -13.70 -2.50
C ILE B 69 3.78 -12.73 -2.24
N SER B 70 3.25 -12.15 -3.31
CA SER B 70 2.09 -11.25 -3.25
C SER B 70 0.95 -11.85 -4.06
N ASP B 71 -0.27 -11.56 -3.62
CA ASP B 71 -1.51 -12.04 -4.23
C ASP B 71 -1.60 -13.56 -4.21
N ALA B 72 -0.87 -14.20 -3.30
CA ALA B 72 -0.96 -15.63 -2.99
C ALA B 72 -0.39 -16.52 -4.08
N SER B 73 -0.09 -15.95 -5.25
CA SER B 73 0.55 -16.71 -6.32
C SER B 73 1.66 -15.98 -7.03
N ASN B 74 1.71 -14.65 -6.98
CA ASN B 74 2.67 -13.87 -7.76
C ASN B 74 3.94 -13.65 -6.95
N MET B 75 5.07 -14.05 -7.51
CA MET B 75 6.37 -13.82 -6.88
C MET B 75 6.84 -12.41 -7.21
N GLU B 76 8.10 -12.13 -6.89
CA GLU B 76 8.67 -10.80 -7.11
C GLU B 76 10.03 -10.93 -7.78
N THR B 77 10.45 -9.85 -8.41
CA THR B 77 11.72 -9.83 -9.13
C THR B 77 12.88 -10.08 -8.17
N GLY B 78 13.75 -11.00 -8.54
CA GLY B 78 14.89 -11.34 -7.72
C GLY B 78 14.69 -12.51 -6.78
N VAL B 79 13.45 -12.93 -6.55
CA VAL B 79 13.18 -14.07 -5.69
C VAL B 79 13.55 -15.35 -6.44
N PRO B 80 14.43 -16.20 -5.89
CA PRO B 80 14.81 -17.44 -6.59
C PRO B 80 13.62 -18.30 -6.98
N SER B 81 13.82 -19.15 -7.98
CA SER B 81 12.75 -19.96 -8.54
C SER B 81 12.28 -21.08 -7.62
N ARG B 82 12.99 -21.32 -6.51
CA ARG B 82 12.65 -22.46 -5.66
C ARG B 82 11.39 -22.19 -4.84
N PHE B 83 11.09 -20.93 -4.57
CA PHE B 83 9.92 -20.60 -3.77
C PHE B 83 8.65 -20.66 -4.60
N SER B 84 7.53 -20.99 -3.95
CA SER B 84 6.23 -21.00 -4.61
C SER B 84 5.13 -20.85 -3.58
N GLY B 85 3.96 -20.45 -4.07
CA GLY B 85 2.79 -20.30 -3.21
C GLY B 85 1.49 -20.52 -3.95
N SER B 86 0.48 -21.03 -3.25
CA SER B 86 -0.79 -21.33 -3.87
C SER B 86 -1.89 -21.27 -2.82
N GLY B 87 -3.11 -21.56 -3.26
CA GLY B 87 -4.25 -21.58 -2.36
C GLY B 87 -5.24 -20.47 -2.63
N SER B 88 -6.39 -20.51 -1.94
CA SER B 88 -7.44 -19.52 -2.18
C SER B 88 -8.52 -19.69 -1.14
N GLY B 89 -9.28 -18.62 -0.92
CA GLY B 89 -10.36 -18.65 0.04
C GLY B 89 -9.88 -18.57 1.47
N THR B 90 -9.93 -19.69 2.18
CA THR B 90 -9.49 -19.78 3.56
C THR B 90 -8.12 -20.39 3.73
N ASP B 91 -7.72 -21.33 2.88
CA ASP B 91 -6.47 -22.07 3.03
C ASP B 91 -5.45 -21.60 1.99
N PHE B 92 -4.22 -21.36 2.44
CA PHE B 92 -3.12 -20.98 1.58
C PHE B 92 -1.88 -21.77 1.95
N THR B 93 -1.02 -22.00 0.96
CA THR B 93 0.13 -22.88 1.12
C THR B 93 1.37 -22.23 0.53
N PHE B 94 2.50 -22.45 1.21
CA PHE B 94 3.80 -21.90 0.85
C PHE B 94 4.78 -23.07 0.74
N THR B 95 5.63 -23.07 -0.30
CA THR B 95 6.44 -24.23 -0.61
C THR B 95 7.85 -23.82 -1.01
N ILE B 96 8.83 -24.57 -0.50
CA ILE B 96 10.23 -24.47 -0.90
C ILE B 96 10.69 -25.83 -1.41
N SER B 97 11.36 -25.84 -2.56
CA SER B 97 11.77 -27.11 -3.18
C SER B 97 13.04 -27.66 -2.55
N SER B 98 14.15 -26.93 -2.67
CA SER B 98 15.44 -27.34 -2.11
C SER B 98 15.90 -26.31 -1.10
N LEU B 99 16.29 -26.78 0.07
CA LEU B 99 16.64 -25.91 1.19
C LEU B 99 18.11 -25.56 1.14
N GLN B 100 18.42 -24.41 0.54
CA GLN B 100 19.78 -23.90 0.57
C GLN B 100 20.10 -23.37 1.97
N PRO B 101 21.39 -23.23 2.31
CA PRO B 101 21.75 -22.84 3.68
C PRO B 101 21.21 -21.49 4.10
N GLU B 102 20.86 -20.60 3.17
CA GLU B 102 20.43 -19.26 3.50
C GLU B 102 18.92 -19.13 3.64
N ASP B 103 18.23 -20.19 4.05
CA ASP B 103 16.78 -20.17 4.20
C ASP B 103 16.35 -20.38 5.65
N ILE B 104 17.15 -19.92 6.60
CA ILE B 104 16.80 -19.94 8.02
C ILE B 104 16.20 -18.59 8.36
N ALA B 105 14.90 -18.54 8.62
CA ALA B 105 14.21 -17.30 8.89
C ALA B 105 12.84 -17.63 9.47
N THR B 106 12.02 -16.61 9.66
CA THR B 106 10.63 -16.75 10.11
C THR B 106 9.72 -16.14 9.05
N TYR B 107 8.66 -16.87 8.69
CA TYR B 107 7.75 -16.48 7.62
C TYR B 107 6.38 -16.14 8.19
N TYR B 108 5.81 -15.03 7.71
CA TYR B 108 4.53 -14.55 8.17
C TYR B 108 3.57 -14.41 6.99
N CYS B 109 2.29 -14.64 7.25
CA CYS B 109 1.24 -14.43 6.25
C CYS B 109 0.34 -13.28 6.72
N GLN B 110 0.12 -12.33 5.82
CA GLN B 110 -0.66 -11.14 6.11
C GLN B 110 -1.83 -11.04 5.14
N GLN B 111 -2.98 -10.60 5.65
CA GLN B 111 -4.15 -10.35 4.82
C GLN B 111 -4.40 -8.86 4.67
N TYR B 112 -4.89 -8.47 3.49
CA TYR B 112 -5.27 -7.08 3.27
C TYR B 112 -6.61 -6.97 2.53
N ASP B 113 -7.54 -7.86 2.83
CA ASP B 113 -8.87 -7.76 2.24
C ASP B 113 -9.71 -6.68 2.92
N ASN B 114 -9.54 -6.49 4.24
CA ASN B 114 -10.36 -5.56 4.98
C ASN B 114 -9.55 -4.94 6.11
N LEU B 115 -9.61 -3.61 6.21
CA LEU B 115 -8.99 -2.92 7.34
C LEU B 115 -9.79 -3.20 8.61
N PRO B 116 -9.13 -3.45 9.75
CA PRO B 116 -7.69 -3.47 9.98
C PRO B 116 -6.97 -4.72 9.46
N PHE B 117 -5.69 -4.58 9.11
CA PHE B 117 -4.92 -5.70 8.62
C PHE B 117 -4.48 -6.58 9.79
N THR B 118 -3.92 -7.75 9.44
CA THR B 118 -3.57 -8.74 10.45
C THR B 118 -2.39 -9.57 9.97
N PHE B 119 -1.40 -9.73 10.85
CA PHE B 119 -0.27 -10.62 10.61
C PHE B 119 -0.52 -11.97 11.27
N GLY B 120 0.28 -12.95 10.88
CA GLY B 120 0.21 -14.27 11.47
C GLY B 120 1.24 -14.45 12.58
N PRO B 121 1.08 -15.52 13.36
CA PRO B 121 2.06 -15.75 14.46
C PRO B 121 3.47 -16.00 13.97
N GLY B 122 3.69 -16.94 13.07
CA GLY B 122 5.00 -17.18 12.51
C GLY B 122 5.47 -18.61 12.56
N THR B 123 6.32 -18.99 11.62
CA THR B 123 6.91 -20.33 11.55
C THR B 123 8.41 -20.21 11.42
N LYS B 124 9.14 -20.96 12.26
CA LYS B 124 10.59 -20.94 12.27
C LYS B 124 11.14 -22.20 11.60
N VAL B 125 12.27 -22.05 10.91
CA VAL B 125 12.88 -23.12 10.15
C VAL B 125 14.34 -23.26 10.59
N ASP B 126 14.77 -24.49 10.79
CA ASP B 126 16.13 -24.81 11.23
C ASP B 126 16.73 -25.92 10.36
N PHE B 127 17.97 -26.27 10.65
CA PHE B 127 18.66 -27.39 10.02
C PHE B 127 18.77 -28.55 11.00
N LYS B 128 18.76 -29.76 10.47
CA LYS B 128 18.78 -30.97 11.28
C LYS B 128 20.17 -31.58 11.31
N ARG B 129 20.49 -32.23 12.43
CA ARG B 129 21.76 -32.91 12.60
C ARG B 129 21.53 -34.01 13.64
N THR B 130 22.39 -35.03 13.59
CA THR B 130 22.23 -36.21 14.43
C THR B 130 22.23 -35.85 15.92
N VAL B 131 21.84 -36.83 16.74
CA VAL B 131 21.71 -36.60 18.17
C VAL B 131 23.09 -36.36 18.79
N ALA B 132 23.11 -35.55 19.84
CA ALA B 132 24.35 -35.23 20.55
C ALA B 132 24.22 -35.56 22.03
N ALA B 133 25.24 -35.22 22.81
CA ALA B 133 25.26 -35.51 24.24
C ALA B 133 25.62 -34.26 25.01
N PRO B 134 24.77 -33.77 25.91
CA PRO B 134 25.12 -32.61 26.73
C PRO B 134 26.23 -32.93 27.72
N SER B 135 26.96 -31.89 28.11
CA SER B 135 27.95 -31.95 29.18
C SER B 135 27.47 -31.03 30.29
N VAL B 136 26.64 -31.56 31.18
CA VAL B 136 25.95 -30.75 32.18
C VAL B 136 26.91 -30.43 33.31
N PHE B 137 27.05 -29.15 33.63
CA PHE B 137 27.86 -28.68 34.75
C PHE B 137 26.98 -27.92 35.74
N ILE B 138 27.45 -27.83 36.98
CA ILE B 138 26.74 -27.10 38.03
C ILE B 138 27.74 -26.19 38.73
N PHE B 139 27.28 -24.98 39.08
CA PHE B 139 28.16 -24.00 39.69
C PHE B 139 27.53 -23.40 40.95
N PRO B 140 28.26 -23.31 42.05
CA PRO B 140 27.74 -22.70 43.26
C PRO B 140 27.92 -21.20 43.24
N PRO B 141 27.23 -20.46 44.13
CA PRO B 141 27.49 -19.03 44.24
C PRO B 141 28.87 -18.75 44.83
N SER B 142 29.40 -17.59 44.47
CA SER B 142 30.73 -17.19 44.93
C SER B 142 30.63 -16.45 46.26
N ASP B 143 31.79 -16.31 46.92
CA ASP B 143 31.84 -15.59 48.19
C ASP B 143 31.48 -14.12 48.01
N GLU B 144 31.94 -13.51 46.92
CA GLU B 144 31.61 -12.12 46.65
C GLU B 144 30.10 -11.92 46.51
N GLN B 145 29.41 -12.93 45.98
CA GLN B 145 27.95 -12.88 45.97
C GLN B 145 27.38 -12.89 47.38
N LEU B 146 27.91 -13.77 48.25
CA LEU B 146 27.44 -13.84 49.62
C LEU B 146 27.76 -12.58 50.40
N LYS B 147 28.74 -11.79 49.95
CA LYS B 147 29.08 -10.56 50.64
C LYS B 147 28.00 -9.49 50.48
N SER B 148 27.13 -9.61 49.48
CA SER B 148 26.14 -8.59 49.19
C SER B 148 24.71 -9.01 49.53
N GLY B 149 24.55 -10.12 50.25
CA GLY B 149 23.22 -10.50 50.70
C GLY B 149 22.33 -11.16 49.67
N THR B 150 22.91 -11.82 48.68
CA THR B 150 22.13 -12.55 47.69
C THR B 150 23.01 -13.61 47.05
N ALA B 151 22.38 -14.58 46.40
CA ALA B 151 23.14 -15.65 45.75
C ALA B 151 22.31 -16.23 44.62
N SER B 152 23.01 -16.81 43.64
CA SER B 152 22.38 -17.47 42.51
C SER B 152 23.15 -18.73 42.15
N VAL B 153 22.43 -19.82 41.97
CA VAL B 153 23.00 -21.10 41.56
C VAL B 153 22.65 -21.32 40.09
N VAL B 154 23.57 -21.94 39.36
CA VAL B 154 23.51 -22.01 37.90
C VAL B 154 23.82 -23.42 37.44
N CYS B 155 23.06 -23.89 36.45
CA CYS B 155 23.29 -25.15 35.77
C CYS B 155 23.50 -24.89 34.28
N LEU B 156 24.48 -25.58 33.70
CA LEU B 156 24.91 -25.35 32.32
C LEU B 156 24.76 -26.61 31.51
N LEU B 157 24.17 -26.49 30.33
CA LEU B 157 24.05 -27.58 29.37
C LEU B 157 24.70 -27.11 28.08
N ASN B 158 25.87 -27.64 27.77
CA ASN B 158 26.67 -27.17 26.65
C ASN B 158 26.63 -28.16 25.50
N ASN B 159 26.35 -27.64 24.31
CA ASN B 159 26.46 -28.38 23.05
C ASN B 159 25.56 -29.62 23.03
N PHE B 160 24.25 -29.37 23.04
CA PHE B 160 23.24 -30.37 22.72
C PHE B 160 22.48 -29.91 21.50
N TYR B 161 22.28 -30.81 20.53
CA TYR B 161 21.61 -30.40 19.30
C TYR B 161 20.12 -30.14 19.51
N PRO B 162 19.29 -31.12 19.91
CA PRO B 162 17.85 -30.90 19.89
C PRO B 162 17.42 -29.76 20.80
N ARG B 163 16.43 -29.00 20.33
CA ARG B 163 16.01 -27.80 21.06
C ARG B 163 15.38 -28.16 22.39
N GLU B 164 14.54 -29.19 22.42
CA GLU B 164 13.80 -29.52 23.63
C GLU B 164 14.69 -30.27 24.61
N ALA B 165 14.88 -29.70 25.79
CA ALA B 165 15.57 -30.36 26.89
C ALA B 165 14.99 -29.84 28.19
N LYS B 166 15.08 -30.65 29.23
CA LYS B 166 14.42 -30.28 30.49
C LYS B 166 15.43 -30.30 31.63
N VAL B 167 15.38 -29.26 32.47
CA VAL B 167 16.21 -29.13 33.65
C VAL B 167 15.31 -28.84 34.83
N GLN B 168 15.50 -29.55 35.93
CA GLN B 168 14.68 -29.39 37.13
C GLN B 168 15.57 -29.24 38.35
N TRP B 169 15.22 -28.29 39.21
CA TRP B 169 15.91 -28.07 40.48
C TRP B 169 15.12 -28.76 41.59
N LYS B 170 15.78 -29.64 42.34
CA LYS B 170 15.15 -30.39 43.41
C LYS B 170 15.79 -29.98 44.73
N VAL B 171 14.95 -29.54 45.67
CA VAL B 171 15.39 -29.24 47.03
C VAL B 171 14.86 -30.32 47.96
N ASP B 172 15.69 -31.33 48.23
CA ASP B 172 15.28 -32.50 49.01
C ASP B 172 14.07 -33.19 48.38
N ASN B 173 14.17 -33.42 47.07
CA ASN B 173 13.13 -34.09 46.29
C ASN B 173 11.81 -33.34 46.36
N ALA B 174 11.84 -32.05 46.02
CA ALA B 174 10.66 -31.20 46.01
C ALA B 174 10.54 -30.49 44.66
N LEU B 175 9.30 -30.26 44.24
CA LEU B 175 9.03 -29.57 42.99
C LEU B 175 8.65 -28.12 43.29
N GLN B 176 9.38 -27.18 42.70
CA GLN B 176 9.12 -25.76 42.91
C GLN B 176 9.29 -25.02 41.60
N SER B 177 8.62 -23.87 41.50
CA SER B 177 8.64 -23.05 40.31
C SER B 177 8.54 -21.58 40.70
N GLY B 178 8.96 -20.72 39.79
CA GLY B 178 8.94 -19.28 40.00
C GLY B 178 10.27 -18.68 40.39
N ASN B 179 11.21 -19.49 40.89
CA ASN B 179 12.55 -19.02 41.21
C ASN B 179 13.58 -19.49 40.20
N SER B 180 13.16 -20.05 39.08
CA SER B 180 14.07 -20.57 38.07
C SER B 180 13.87 -19.82 36.77
N GLN B 181 14.97 -19.57 36.06
CA GLN B 181 14.94 -18.84 34.80
C GLN B 181 15.89 -19.50 33.82
N GLU B 182 15.50 -19.52 32.54
CA GLU B 182 16.23 -20.26 31.52
C GLU B 182 16.62 -19.35 30.37
N SER B 183 17.81 -19.61 29.80
CA SER B 183 18.30 -18.85 28.66
C SER B 183 18.88 -19.82 27.64
N VAL B 184 18.45 -19.69 26.39
CA VAL B 184 18.87 -20.56 25.29
C VAL B 184 19.38 -19.69 24.16
N THR B 185 20.53 -20.05 23.60
CA THR B 185 21.11 -19.26 22.53
C THR B 185 20.59 -19.74 21.17
N GLU B 186 21.13 -19.15 20.11
CA GLU B 186 20.74 -19.51 18.76
C GLU B 186 21.66 -20.61 18.22
N GLN B 187 21.39 -21.04 16.99
CA GLN B 187 22.24 -22.04 16.36
C GLN B 187 23.63 -21.49 16.11
N ASP B 188 24.64 -22.33 16.27
CA ASP B 188 26.01 -21.95 15.99
C ASP B 188 26.42 -22.55 14.66
N SER B 189 26.94 -21.69 13.77
CA SER B 189 27.03 -22.04 12.35
C SER B 189 27.93 -23.25 12.10
N LYS B 190 29.06 -23.35 12.82
CA LYS B 190 30.02 -24.41 12.53
C LYS B 190 29.45 -25.79 12.86
N ASP B 191 28.68 -25.90 13.94
CA ASP B 191 28.24 -27.22 14.39
C ASP B 191 26.73 -27.36 14.46
N SER B 192 25.98 -26.26 14.38
CA SER B 192 24.52 -26.28 14.48
C SER B 192 24.07 -26.94 15.79
N THR B 193 24.41 -26.28 16.90
CA THR B 193 24.20 -26.84 18.23
C THR B 193 23.88 -25.71 19.19
N TYR B 194 23.22 -26.05 20.30
CA TYR B 194 22.69 -25.08 21.25
C TYR B 194 23.53 -25.01 22.52
N SER B 195 23.03 -24.24 23.50
CA SER B 195 23.58 -24.13 24.83
C SER B 195 22.52 -23.49 25.72
N LEU B 196 22.37 -24.02 26.94
CA LEU B 196 21.30 -23.62 27.82
C LEU B 196 21.83 -23.34 29.22
N SER B 197 21.27 -22.30 29.85
CA SER B 197 21.67 -21.92 31.21
C SER B 197 20.43 -21.75 32.07
N SER B 198 20.44 -22.37 33.24
CA SER B 198 19.35 -22.27 34.20
C SER B 198 19.85 -21.64 35.49
N THR B 199 19.11 -20.66 36.00
CA THR B 199 19.52 -19.90 37.18
C THR B 199 18.41 -19.92 38.22
N LEU B 200 18.78 -20.13 39.47
CA LEU B 200 17.86 -20.14 40.60
C LEU B 200 18.42 -19.24 41.70
N THR B 201 17.60 -18.31 42.17
CA THR B 201 18.06 -17.30 43.12
C THR B 201 17.72 -17.71 44.55
N LEU B 202 18.70 -17.60 45.45
CA LEU B 202 18.53 -17.91 46.85
C LEU B 202 19.08 -16.78 47.70
N SER B 203 18.42 -16.51 48.82
CA SER B 203 18.88 -15.49 49.74
C SER B 203 20.05 -16.02 50.58
N LYS B 204 20.74 -15.10 51.24
CA LYS B 204 21.89 -15.49 52.07
C LYS B 204 21.46 -16.24 53.32
N ALA B 205 20.20 -16.09 53.73
CA ALA B 205 19.73 -16.77 54.94
C ALA B 205 19.26 -18.19 54.65
N ASP B 206 18.97 -18.51 53.40
CA ASP B 206 18.41 -19.80 53.02
C ASP B 206 19.16 -20.50 51.91
N TYR B 207 20.49 -20.33 51.83
CA TYR B 207 21.23 -20.95 50.73
C TYR B 207 21.86 -22.28 51.15
N GLU B 208 22.47 -22.33 52.34
CA GLU B 208 23.16 -23.53 52.80
C GLU B 208 22.38 -24.29 53.86
N LYS B 209 21.12 -23.94 54.10
CA LYS B 209 20.35 -24.60 55.13
C LYS B 209 19.99 -26.03 54.75
N HIS B 210 20.06 -26.36 53.46
CA HIS B 210 19.69 -27.68 52.96
C HIS B 210 20.82 -28.25 52.13
N LYS B 211 21.20 -29.48 52.42
CA LYS B 211 22.31 -30.12 51.71
C LYS B 211 21.88 -30.62 50.34
N VAL B 212 20.61 -31.02 50.20
CA VAL B 212 20.15 -31.69 48.99
C VAL B 212 19.75 -30.65 47.95
N TYR B 213 20.65 -30.38 47.01
CA TYR B 213 20.37 -29.53 45.84
C TYR B 213 20.68 -30.36 44.60
N ALA B 214 19.64 -30.79 43.89
CA ALA B 214 19.78 -31.67 42.74
C ALA B 214 19.45 -30.90 41.46
N CYS B 215 20.32 -31.05 40.46
CA CYS B 215 20.07 -30.56 39.12
C CYS B 215 19.82 -31.78 38.26
N GLU B 216 18.58 -31.92 37.77
CA GLU B 216 18.19 -33.08 36.98
C GLU B 216 17.98 -32.67 35.53
N VAL B 217 18.69 -33.34 34.63
CA VAL B 217 18.61 -33.04 33.20
C VAL B 217 18.02 -34.26 32.50
N THR B 218 16.98 -34.02 31.69
CA THR B 218 16.32 -35.05 30.90
C THR B 218 16.33 -34.62 29.45
N HIS B 219 16.77 -35.53 28.58
CA HIS B 219 16.89 -35.27 27.15
C HIS B 219 16.85 -36.60 26.42
N GLN B 220 16.54 -36.55 25.12
CA GLN B 220 16.47 -37.79 24.37
C GLN B 220 17.85 -38.23 23.87
N GLY B 221 18.88 -37.44 24.16
CA GLY B 221 20.23 -37.79 23.79
C GLY B 221 20.96 -38.63 24.80
N LEU B 222 20.38 -38.88 25.96
CA LEU B 222 21.00 -39.66 27.01
C LEU B 222 20.19 -40.93 27.25
N SER B 223 20.88 -42.04 27.55
CA SER B 223 20.19 -43.29 27.81
C SER B 223 19.29 -43.18 29.04
N SER B 224 19.78 -42.50 30.08
CA SER B 224 19.01 -42.27 31.28
C SER B 224 19.12 -40.80 31.69
N PRO B 225 18.10 -40.26 32.37
CA PRO B 225 18.22 -38.90 32.90
C PRO B 225 19.38 -38.81 33.89
N VAL B 226 20.02 -37.65 33.92
CA VAL B 226 21.23 -37.47 34.72
C VAL B 226 20.97 -36.44 35.80
N THR B 227 21.19 -36.83 37.05
CA THR B 227 20.99 -35.95 38.19
C THR B 227 22.34 -35.73 38.88
N LYS B 228 22.72 -34.47 39.05
CA LYS B 228 23.93 -34.13 39.78
C LYS B 228 23.58 -33.32 41.03
N SER B 229 24.13 -33.73 42.16
CA SER B 229 23.81 -33.12 43.44
C SER B 229 24.88 -32.10 43.82
N PHE B 230 24.54 -31.25 44.77
CA PHE B 230 25.45 -30.24 45.31
C PHE B 230 25.59 -30.44 46.80
N ASN B 231 26.76 -30.11 47.34
CA ASN B 231 27.06 -30.25 48.76
C ASN B 231 27.16 -28.87 49.39
N ARG B 232 26.38 -28.64 50.45
CA ARG B 232 26.41 -27.36 51.14
C ARG B 232 27.77 -27.14 51.78
N GLY B 233 28.27 -25.93 51.67
CA GLY B 233 29.61 -25.61 52.17
C GLY B 233 30.74 -25.94 51.21
N GLU B 234 30.64 -27.08 50.54
CA GLU B 234 31.65 -27.50 49.58
C GLU B 234 31.75 -26.52 48.41
N GLU C 22 19.39 5.69 -2.66
CA GLU C 22 18.19 4.89 -2.89
C GLU C 22 17.12 5.20 -1.87
N VAL C 23 16.14 4.31 -1.75
CA VAL C 23 15.05 4.52 -0.81
C VAL C 23 15.56 4.37 0.61
N GLN C 24 15.19 5.30 1.48
CA GLN C 24 15.64 5.28 2.86
C GLN C 24 14.57 5.85 3.78
N LEU C 25 14.24 5.08 4.82
CA LEU C 25 13.33 5.51 5.86
C LEU C 25 14.08 5.52 7.18
N VAL C 26 14.01 6.63 7.91
CA VAL C 26 14.75 6.80 9.16
C VAL C 26 13.78 7.19 10.26
N GLU C 27 13.85 6.50 11.40
CA GLU C 27 12.96 6.74 12.53
C GLU C 27 13.74 7.36 13.69
N SER C 28 13.03 8.15 14.50
CA SER C 28 13.65 8.79 15.65
C SER C 28 12.61 8.99 16.74
N GLY C 29 13.07 8.88 17.99
CA GLY C 29 12.22 9.16 19.14
C GLY C 29 12.18 8.09 20.21
N GLY C 30 12.98 7.03 20.08
CA GLY C 30 12.94 5.94 21.02
C GLY C 30 13.54 6.29 22.37
N GLY C 31 13.26 5.46 23.36
CA GLY C 31 13.80 5.69 24.69
C GLY C 31 12.87 5.18 25.77
N VAL C 32 13.08 5.73 26.97
CA VAL C 32 12.45 5.23 28.18
C VAL C 32 11.33 6.18 28.61
N VAL C 33 10.18 5.62 28.97
CA VAL C 33 9.00 6.39 29.35
C VAL C 33 8.41 5.76 30.61
N GLN C 34 8.05 6.60 31.59
CA GLN C 34 7.37 6.14 32.78
C GLN C 34 5.92 5.77 32.46
N PRO C 35 5.30 4.92 33.27
CA PRO C 35 3.89 4.58 33.03
C PRO C 35 3.01 5.82 33.12
N GLY C 36 2.00 5.86 32.27
CA GLY C 36 1.12 7.02 32.19
C GLY C 36 1.66 8.17 31.38
N GLY C 37 2.82 8.02 30.76
CA GLY C 37 3.44 9.09 30.01
C GLY C 37 3.02 9.11 28.55
N SER C 38 3.60 10.06 27.82
CA SER C 38 3.31 10.28 26.41
C SER C 38 4.61 10.40 25.65
N LEU C 39 4.57 10.05 24.36
CA LEU C 39 5.76 10.09 23.54
C LEU C 39 5.36 10.39 22.10
N ARG C 40 6.35 10.83 21.31
CA ARG C 40 6.11 11.20 19.93
C ARG C 40 7.26 10.70 19.06
N LEU C 41 6.94 9.90 18.05
CA LEU C 41 7.91 9.27 17.19
C LEU C 41 7.82 9.85 15.78
N SER C 42 8.97 10.17 15.20
CA SER C 42 9.03 10.82 13.89
C SER C 42 9.74 9.92 12.89
N CYS C 43 9.35 10.08 11.63
CA CYS C 43 9.84 9.22 10.55
C CYS C 43 10.04 10.05 9.30
N ALA C 44 11.22 9.92 8.70
CA ALA C 44 11.62 10.70 7.52
C ALA C 44 11.85 9.76 6.35
N ALA C 45 11.37 10.17 5.17
CA ALA C 45 11.44 9.37 3.96
C ALA C 45 12.29 10.10 2.92
N SER C 46 13.12 9.36 2.19
CA SER C 46 13.94 9.96 1.17
C SER C 46 14.14 8.98 0.03
N GLY C 47 14.17 9.51 -1.19
CA GLY C 47 14.42 8.72 -2.37
C GLY C 47 13.21 8.39 -3.21
N PHE C 48 12.00 8.63 -2.73
CA PHE C 48 10.80 8.29 -3.47
C PHE C 48 9.69 9.28 -3.13
N THR C 49 8.67 9.29 -3.99
CA THR C 49 7.55 10.22 -3.85
C THR C 49 6.72 9.82 -2.64
N PHE C 50 6.86 10.58 -1.54
CA PHE C 50 6.20 10.24 -0.29
C PHE C 50 4.74 10.70 -0.27
N ASN C 51 4.39 11.71 -1.06
CA ASN C 51 3.07 12.31 -1.01
C ASN C 51 2.03 11.57 -1.84
N SER C 52 2.42 10.47 -2.49
CA SER C 52 1.50 9.70 -3.32
C SER C 52 1.10 8.37 -2.71
N TYR C 53 1.59 8.02 -1.54
CA TYR C 53 1.35 6.74 -0.91
C TYR C 53 0.73 6.91 0.47
N GLY C 54 0.11 5.84 0.95
CA GLY C 54 -0.29 5.73 2.33
C GLY C 54 0.78 5.02 3.13
N MET C 55 0.78 5.23 4.45
CA MET C 55 1.85 4.71 5.29
C MET C 55 1.29 4.02 6.52
N HIS C 56 2.07 3.08 7.05
CA HIS C 56 1.68 2.24 8.16
C HIS C 56 2.72 2.31 9.28
N TRP C 57 2.27 2.03 10.50
CA TRP C 57 3.14 1.84 11.65
C TRP C 57 3.08 0.39 12.08
N VAL C 58 4.25 -0.23 12.28
CA VAL C 58 4.33 -1.64 12.66
C VAL C 58 5.18 -1.76 13.92
N ARG C 59 4.77 -2.64 14.83
CA ARG C 59 5.53 -2.83 16.07
C ARG C 59 5.76 -4.32 16.32
N GLN C 60 6.89 -4.62 16.96
CA GLN C 60 7.30 -5.99 17.26
C GLN C 60 7.78 -6.07 18.69
N ALA C 61 7.20 -6.96 19.47
CA ALA C 61 7.60 -7.12 20.86
C ALA C 61 8.91 -7.89 20.96
N PRO C 62 9.67 -7.70 22.05
CA PRO C 62 10.91 -8.46 22.22
C PRO C 62 10.62 -9.95 22.37
N GLY C 63 11.06 -10.74 21.39
CA GLY C 63 10.83 -12.16 21.42
C GLY C 63 9.42 -12.59 21.09
N LYS C 64 8.72 -11.83 20.24
CA LYS C 64 7.35 -12.15 19.87
C LYS C 64 7.17 -11.79 18.40
N GLY C 65 5.92 -11.80 17.95
CA GLY C 65 5.59 -11.64 16.54
C GLY C 65 5.45 -10.19 16.11
N LEU C 66 4.84 -10.02 14.94
CA LEU C 66 4.64 -8.71 14.33
C LEU C 66 3.21 -8.25 14.52
N GLU C 67 3.02 -6.94 14.71
CA GLU C 67 1.72 -6.36 14.95
C GLU C 67 1.54 -5.10 14.10
N TRP C 68 0.29 -4.79 13.79
CA TRP C 68 -0.08 -3.68 12.92
C TRP C 68 -0.78 -2.61 13.77
N VAL C 69 -0.29 -1.37 13.68
CA VAL C 69 -0.68 -0.30 14.60
C VAL C 69 -1.66 0.68 13.96
N ALA C 70 -1.23 1.38 12.90
CA ALA C 70 -2.04 2.45 12.34
C ALA C 70 -1.72 2.63 10.87
N PHE C 71 -2.67 3.25 10.16
CA PHE C 71 -2.57 3.49 8.72
C PHE C 71 -3.13 4.87 8.39
N ILE C 72 -2.41 5.59 7.52
CA ILE C 72 -2.84 6.91 7.06
C ILE C 72 -2.77 6.95 5.54
N ARG C 73 -3.68 7.72 4.95
CA ARG C 73 -3.82 7.83 3.51
C ARG C 73 -2.86 8.88 2.96
N TYR C 74 -2.98 9.19 1.66
CA TYR C 74 -1.97 10.02 1.01
C TYR C 74 -2.11 11.49 1.35
N ASP C 75 -3.33 11.96 1.61
CA ASP C 75 -3.58 13.37 1.91
C ASP C 75 -4.05 13.58 3.34
N GLY C 76 -3.55 12.79 4.27
CA GLY C 76 -4.12 12.81 5.61
C GLY C 76 -5.52 12.25 5.57
N GLY C 77 -6.46 12.99 6.13
CA GLY C 77 -7.86 12.60 6.06
C GLY C 77 -8.19 11.38 6.89
N ASN C 78 -8.62 10.31 6.22
CA ASN C 78 -9.02 9.10 6.92
C ASN C 78 -7.82 8.45 7.60
N LYS C 79 -8.01 8.03 8.85
CA LYS C 79 -6.97 7.40 9.65
C LYS C 79 -7.54 6.16 10.31
N TYR C 80 -6.75 5.09 10.33
CA TYR C 80 -7.21 3.80 10.86
C TYR C 80 -6.29 3.30 11.95
N TYR C 81 -6.89 2.86 13.07
CA TYR C 81 -6.15 2.36 14.21
C TYR C 81 -6.61 0.96 14.56
N ALA C 82 -5.73 0.19 15.18
CA ALA C 82 -6.06 -1.14 15.65
C ALA C 82 -6.87 -1.08 16.93
N ASP C 83 -7.47 -2.21 17.31
CA ASP C 83 -8.37 -2.22 18.46
C ASP C 83 -7.63 -2.09 19.78
N SER C 84 -6.37 -2.53 19.83
CA SER C 84 -5.60 -2.43 21.07
C SER C 84 -5.12 -1.02 21.33
N VAL C 85 -4.73 -0.29 20.29
CA VAL C 85 -4.16 1.05 20.42
C VAL C 85 -5.19 2.12 20.07
N LYS C 86 -6.47 1.79 20.13
CA LYS C 86 -7.51 2.73 19.77
C LYS C 86 -7.89 3.60 20.96
N GLY C 87 -8.03 4.90 20.71
CA GLY C 87 -8.43 5.85 21.73
C GLY C 87 -7.30 6.46 22.50
N ARG C 88 -6.05 6.00 22.31
CA ARG C 88 -4.92 6.59 22.99
C ARG C 88 -3.70 6.74 22.08
N PHE C 89 -3.86 6.50 20.78
CA PHE C 89 -2.81 6.72 19.79
C PHE C 89 -3.33 7.65 18.70
N THR C 90 -2.41 8.42 18.11
CA THR C 90 -2.77 9.34 17.03
C THR C 90 -1.71 9.29 15.95
N ILE C 91 -2.14 9.33 14.69
CA ILE C 91 -1.24 9.31 13.54
C ILE C 91 -1.47 10.56 12.73
N SER C 92 -0.40 11.06 12.11
CA SER C 92 -0.48 12.27 11.31
C SER C 92 0.72 12.33 10.38
N ARG C 93 0.62 13.16 9.35
CA ARG C 93 1.71 13.37 8.42
C ARG C 93 1.88 14.85 8.13
N ASP C 94 3.14 15.26 8.02
CA ASP C 94 3.52 16.61 7.61
C ASP C 94 4.15 16.45 6.22
N ASN C 95 3.36 16.77 5.20
CA ASN C 95 3.78 16.53 3.83
C ASN C 95 4.79 17.56 3.34
N SER C 96 4.85 18.73 3.98
CA SER C 96 5.80 19.76 3.55
C SER C 96 7.24 19.31 3.77
N LYS C 97 7.50 18.61 4.87
CA LYS C 97 8.85 18.17 5.21
C LYS C 97 9.02 16.66 5.10
N ASN C 98 8.05 15.94 4.52
CA ASN C 98 8.11 14.50 4.34
C ASN C 98 8.32 13.78 5.68
N THR C 99 7.34 13.95 6.56
CA THR C 99 7.48 13.42 7.92
C THR C 99 6.19 12.72 8.32
N LEU C 100 6.34 11.62 9.06
CA LEU C 100 5.22 10.89 9.63
C LEU C 100 5.37 10.83 11.15
N TYR C 101 4.27 11.01 11.86
CA TYR C 101 4.28 11.12 13.31
C TYR C 101 3.40 10.06 13.95
N LEU C 102 3.81 9.62 15.13
CA LEU C 102 2.96 8.77 15.97
C LEU C 102 2.98 9.35 17.37
N GLN C 103 1.80 9.71 17.88
CA GLN C 103 1.64 10.26 19.22
C GLN C 103 1.01 9.23 20.12
N MET C 104 1.63 8.98 21.28
CA MET C 104 1.30 7.89 22.17
C MET C 104 0.98 8.45 23.55
N LYS C 105 -0.20 8.11 24.07
CA LYS C 105 -0.64 8.62 25.36
C LYS C 105 -1.11 7.46 26.23
N SER C 106 -1.09 7.68 27.54
CA SER C 106 -1.52 6.70 28.54
C SER C 106 -0.79 5.37 28.34
N LEU C 107 0.52 5.45 28.21
CA LEU C 107 1.33 4.27 27.94
C LEU C 107 1.35 3.32 29.13
N ARG C 108 1.52 2.04 28.83
CA ARG C 108 1.64 1.00 29.84
C ARG C 108 2.76 0.04 29.44
N ALA C 109 3.03 -0.95 30.30
CA ALA C 109 4.20 -1.79 30.16
C ALA C 109 4.12 -2.75 28.97
N GLU C 110 2.94 -2.97 28.41
CA GLU C 110 2.79 -3.90 27.30
C GLU C 110 3.23 -3.30 25.96
N ASP C 111 3.55 -2.01 25.93
CA ASP C 111 3.93 -1.34 24.69
C ASP C 111 5.44 -1.35 24.44
N THR C 112 6.21 -2.01 25.29
CA THR C 112 7.65 -2.12 25.06
C THR C 112 7.90 -2.92 23.80
N ALA C 113 8.42 -2.27 22.76
CA ALA C 113 8.55 -2.92 21.47
C ALA C 113 9.53 -2.13 20.59
N VAL C 114 9.65 -2.58 19.35
CA VAL C 114 10.46 -1.94 18.32
C VAL C 114 9.52 -1.55 17.20
N TYR C 115 9.63 -0.30 16.75
CA TYR C 115 8.68 0.28 15.81
C TYR C 115 9.34 0.57 14.47
N TYR C 116 8.59 0.29 13.39
CA TYR C 116 9.00 0.53 12.02
C TYR C 116 7.92 1.33 11.30
N CYS C 117 8.37 2.11 10.31
CA CYS C 117 7.49 2.74 9.34
C CYS C 117 7.43 1.86 8.10
N ALA C 118 6.24 1.68 7.55
CA ALA C 118 6.05 0.71 6.47
C ALA C 118 5.30 1.33 5.31
N ASN C 119 5.76 1.02 4.10
CA ASN C 119 5.02 1.21 2.87
C ASN C 119 4.77 -0.17 2.28
N LEU C 120 3.55 -0.68 2.45
CA LEU C 120 3.25 -2.07 2.16
C LEU C 120 2.59 -2.21 0.80
N LYS C 121 2.95 -3.26 0.08
CA LYS C 121 2.37 -3.53 -1.23
C LYS C 121 0.96 -4.07 -1.07
N ASP C 122 0.00 -3.44 -1.76
CA ASP C 122 -1.39 -3.82 -1.69
C ASP C 122 -2.06 -3.57 -3.03
N SER C 123 -2.85 -4.53 -3.49
CA SER C 123 -3.69 -4.35 -4.67
C SER C 123 -5.02 -3.71 -4.32
N ARG C 124 -5.35 -3.60 -3.04
CA ARG C 124 -6.56 -2.96 -2.57
C ARG C 124 -6.16 -1.82 -1.64
N TYR C 125 -7.02 -0.81 -1.55
CA TYR C 125 -6.72 0.42 -0.81
C TYR C 125 -5.52 1.13 -1.40
N SER C 126 -4.43 1.25 -0.66
CA SER C 126 -3.22 1.86 -1.20
C SER C 126 -2.60 0.94 -2.24
N GLY C 127 -2.67 1.34 -3.50
CA GLY C 127 -2.23 0.48 -4.58
C GLY C 127 -0.74 0.52 -4.84
N SER C 128 0.06 0.34 -3.80
CA SER C 128 1.50 0.38 -3.94
C SER C 128 2.02 -0.89 -4.62
N TYR C 129 2.92 -0.70 -5.59
CA TYR C 129 3.55 -1.81 -6.27
C TYR C 129 4.90 -2.18 -5.69
N TYR C 130 5.40 -1.42 -4.71
CA TYR C 130 6.67 -1.69 -4.06
C TYR C 130 6.50 -1.60 -2.55
N ASP C 131 7.36 -2.31 -1.83
CA ASP C 131 7.32 -2.32 -0.37
C ASP C 131 8.65 -1.85 0.20
N TYR C 132 8.58 -1.01 1.23
CA TYR C 132 9.75 -0.47 1.90
C TYR C 132 9.52 -0.51 3.40
N TRP C 133 10.62 -0.67 4.15
CA TRP C 133 10.59 -0.68 5.60
C TRP C 133 11.72 0.19 6.14
N GLY C 134 11.54 0.66 7.37
CA GLY C 134 12.53 1.48 8.04
C GLY C 134 13.55 0.67 8.80
N GLN C 135 14.25 1.36 9.70
CA GLN C 135 15.27 0.71 10.52
C GLN C 135 14.67 0.18 11.83
N GLY C 136 14.01 1.04 12.59
CA GLY C 136 13.36 0.64 13.83
C GLY C 136 13.83 1.46 15.01
N THR C 137 12.92 1.67 15.97
CA THR C 137 13.26 2.36 17.20
C THR C 137 12.65 1.63 18.39
N LEU C 138 13.39 1.58 19.49
CA LEU C 138 12.99 0.85 20.68
C LEU C 138 12.33 1.80 21.67
N VAL C 139 11.16 1.41 22.18
CA VAL C 139 10.47 2.17 23.22
C VAL C 139 10.28 1.26 24.42
N THR C 140 10.79 1.68 25.57
CA THR C 140 10.73 0.90 26.80
C THR C 140 9.95 1.68 27.84
N VAL C 141 8.99 1.03 28.48
CA VAL C 141 8.16 1.65 29.50
C VAL C 141 8.49 0.99 30.83
N SER C 142 9.06 1.77 31.74
CA SER C 142 9.49 1.27 33.04
C SER C 142 9.68 2.44 33.99
N SER C 143 9.80 2.11 35.27
CA SER C 143 9.95 3.12 36.31
C SER C 143 11.30 3.04 37.01
N ALA C 144 12.24 2.28 36.48
CA ALA C 144 13.55 2.10 37.09
C ALA C 144 14.58 2.99 36.41
N SER C 145 15.44 3.59 37.22
CA SER C 145 16.45 4.51 36.71
C SER C 145 17.65 3.74 36.16
N THR C 146 18.55 4.47 35.52
CA THR C 146 19.76 3.87 34.97
C THR C 146 20.69 3.42 36.10
N LYS C 147 21.38 2.31 35.88
CA LYS C 147 22.28 1.76 36.89
C LYS C 147 23.38 0.96 36.20
N GLY C 148 24.49 0.78 36.89
CA GLY C 148 25.62 0.05 36.36
C GLY C 148 25.63 -1.41 36.77
N PRO C 149 26.20 -2.27 35.92
CA PRO C 149 26.21 -3.71 36.21
C PRO C 149 26.96 -4.05 37.49
N SER C 150 26.51 -5.13 38.13
CA SER C 150 27.18 -5.71 39.28
C SER C 150 27.52 -7.17 38.97
N VAL C 151 28.68 -7.62 39.43
CA VAL C 151 29.25 -8.90 39.01
C VAL C 151 29.48 -9.76 40.23
N PHE C 152 29.07 -11.03 40.15
CA PHE C 152 29.38 -12.04 41.14
C PHE C 152 29.86 -13.29 40.41
N PRO C 153 31.06 -13.79 40.71
CA PRO C 153 31.58 -14.95 39.96
C PRO C 153 30.91 -16.25 40.33
N LEU C 154 31.40 -17.34 39.76
CA LEU C 154 30.95 -18.69 40.08
C LEU C 154 32.16 -19.59 40.24
N ALA C 155 32.00 -20.68 40.99
CA ALA C 155 33.14 -21.51 41.34
C ALA C 155 33.62 -22.30 40.12
N PRO C 156 34.90 -22.16 39.74
CA PRO C 156 35.43 -22.94 38.62
C PRO C 156 35.99 -24.28 39.04
N SER C 157 35.57 -25.36 38.40
CA SER C 157 36.04 -26.70 38.72
C SER C 157 36.93 -27.21 37.58
N SER C 158 38.10 -27.70 37.95
CA SER C 158 39.04 -28.24 36.96
C SER C 158 39.28 -29.73 37.19
N GLY C 164 36.81 -32.11 27.11
CA GLY C 164 37.51 -31.43 28.18
C GLY C 164 36.68 -31.26 29.44
N THR C 165 37.34 -30.90 30.54
CA THR C 165 36.69 -30.71 31.82
C THR C 165 36.85 -29.27 32.32
N ALA C 166 36.84 -28.31 31.41
CA ALA C 166 37.01 -26.91 31.76
C ALA C 166 35.67 -26.34 32.20
N ALA C 167 35.51 -26.12 33.49
CA ALA C 167 34.29 -25.54 34.06
C ALA C 167 34.66 -24.30 34.84
N LEU C 168 33.86 -23.24 34.69
CA LEU C 168 34.11 -21.96 35.33
C LEU C 168 32.79 -21.19 35.39
N GLY C 169 32.87 -19.93 35.77
CA GLY C 169 31.65 -19.13 35.87
C GLY C 169 31.84 -17.63 35.91
N CYS C 170 30.91 -16.91 35.30
CA CYS C 170 30.85 -15.47 35.35
C CYS C 170 29.39 -15.03 35.30
N LEU C 171 29.11 -13.82 35.77
CA LEU C 171 27.74 -13.36 35.86
C LEU C 171 27.70 -11.84 35.86
N VAL C 172 26.75 -11.29 35.10
CA VAL C 172 26.44 -9.86 35.09
C VAL C 172 24.99 -9.71 35.51
N LYS C 173 24.71 -8.83 36.46
CA LYS C 173 23.39 -8.73 37.05
C LYS C 173 23.10 -7.29 37.41
N ASP C 174 21.80 -6.97 37.48
CA ASP C 174 21.29 -5.73 38.08
C ASP C 174 21.77 -4.49 37.32
N TYR C 175 21.34 -4.40 36.07
CA TYR C 175 21.56 -3.22 35.25
C TYR C 175 20.36 -3.01 34.33
N PHE C 176 19.89 -1.77 34.23
CA PHE C 176 18.71 -1.50 33.43
C PHE C 176 18.95 -1.41 31.93
N PRO C 177 19.79 -0.49 31.43
CA PRO C 177 19.77 -0.18 29.99
C PRO C 177 20.09 -1.40 29.14
N GLU C 178 19.38 -1.50 28.01
CA GLU C 178 19.36 -2.73 27.22
C GLU C 178 20.73 -3.25 26.74
N PRO C 179 21.68 -2.43 26.27
CA PRO C 179 22.91 -3.00 25.74
C PRO C 179 23.86 -3.41 26.84
N VAL C 180 25.02 -3.95 26.43
CA VAL C 180 26.06 -4.34 27.36
C VAL C 180 27.38 -4.32 26.61
N THR C 181 28.48 -4.14 27.36
CA THR C 181 29.83 -4.16 26.80
C THR C 181 30.42 -5.54 27.05
N VAL C 182 30.81 -6.21 25.98
CA VAL C 182 31.27 -7.60 26.05
C VAL C 182 32.79 -7.62 26.03
N SER C 183 33.38 -8.24 27.07
CA SER C 183 34.84 -8.38 27.15
C SER C 183 35.13 -9.48 28.17
N TRP C 184 35.79 -10.55 27.70
CA TRP C 184 36.11 -11.67 28.57
C TRP C 184 37.57 -11.65 29.04
N ASN C 185 38.52 -11.66 28.11
CA ASN C 185 39.93 -11.74 28.46
C ASN C 185 40.75 -10.77 27.63
N SER C 186 40.32 -9.50 27.58
CA SER C 186 40.94 -8.40 26.85
C SER C 186 40.72 -8.49 25.34
N GLY C 187 39.86 -9.40 24.88
CA GLY C 187 39.48 -9.45 23.48
C GLY C 187 40.52 -10.00 22.54
N ALA C 188 41.58 -10.64 23.04
CA ALA C 188 42.61 -11.19 22.16
C ALA C 188 42.06 -12.28 21.25
N LEU C 189 41.23 -13.17 21.78
CA LEU C 189 40.68 -14.29 21.03
C LEU C 189 39.17 -14.16 20.93
N THR C 190 38.63 -14.54 19.78
CA THR C 190 37.19 -14.49 19.54
C THR C 190 36.46 -15.76 19.99
N SER C 191 37.19 -16.73 20.53
CA SER C 191 36.57 -17.94 21.04
C SER C 191 35.77 -17.63 22.31
N GLY C 192 34.88 -18.55 22.66
CA GLY C 192 33.99 -18.32 23.78
C GLY C 192 33.05 -17.15 23.57
N VAL C 193 32.43 -17.08 22.40
CA VAL C 193 31.67 -15.91 21.98
C VAL C 193 30.17 -16.08 22.17
N HIS C 194 29.73 -17.27 22.61
CA HIS C 194 28.30 -17.51 22.79
C HIS C 194 27.81 -16.66 23.96
N THR C 195 27.10 -15.58 23.64
CA THR C 195 26.57 -14.66 24.64
C THR C 195 25.10 -14.99 24.89
N PHE C 196 24.81 -15.43 26.10
CA PHE C 196 23.43 -15.76 26.44
C PHE C 196 22.60 -14.48 26.50
N PRO C 197 21.43 -14.47 25.85
CA PRO C 197 20.59 -13.27 25.88
C PRO C 197 20.16 -12.92 27.29
N ALA C 198 20.07 -11.62 27.56
CA ALA C 198 19.63 -11.14 28.85
C ALA C 198 18.14 -11.36 29.04
N VAL C 199 17.73 -11.60 30.28
CA VAL C 199 16.35 -11.83 30.62
C VAL C 199 15.96 -10.88 31.75
N LEU C 200 14.73 -10.35 31.68
CA LEU C 200 14.27 -9.34 32.61
C LEU C 200 13.74 -9.99 33.88
N GLN C 201 14.00 -9.37 35.02
CA GLN C 201 13.61 -9.92 36.31
C GLN C 201 12.41 -9.16 36.88
N SER C 202 11.87 -9.71 37.97
CA SER C 202 10.77 -9.05 38.65
C SER C 202 11.23 -7.80 39.41
N SER C 203 12.51 -7.76 39.79
CA SER C 203 13.05 -6.57 40.44
C SER C 203 13.01 -5.37 39.49
N GLY C 204 13.39 -5.58 38.23
CA GLY C 204 13.31 -4.54 37.23
C GLY C 204 14.54 -4.42 36.35
N LEU C 205 15.59 -5.16 36.68
CA LEU C 205 16.86 -5.08 35.98
C LEU C 205 17.15 -6.39 35.24
N TYR C 206 18.28 -6.42 34.55
CA TYR C 206 18.61 -7.51 33.64
C TYR C 206 19.70 -8.42 34.24
N SER C 207 20.04 -9.46 33.49
CA SER C 207 21.06 -10.43 33.91
C SER C 207 21.52 -11.22 32.69
N LEU C 208 22.79 -11.61 32.70
CA LEU C 208 23.40 -12.35 31.61
C LEU C 208 24.35 -13.40 32.15
N SER C 209 25.17 -13.95 31.25
CA SER C 209 26.20 -14.92 31.59
C SER C 209 27.18 -14.94 30.42
N SER C 210 28.09 -15.92 30.43
CA SER C 210 29.11 -15.99 29.40
C SER C 210 29.62 -17.43 29.26
N VAL C 211 30.29 -17.68 28.14
CA VAL C 211 30.85 -19.01 27.85
C VAL C 211 31.75 -19.48 28.97
N VAL C 212 31.72 -20.79 29.21
CA VAL C 212 32.52 -21.43 30.25
C VAL C 212 33.75 -22.13 29.68
N THR C 213 33.53 -23.12 28.80
CA THR C 213 34.63 -23.93 28.29
C THR C 213 35.29 -23.26 27.09
N VAL C 214 36.62 -23.31 27.05
CA VAL C 214 37.40 -22.76 25.95
C VAL C 214 38.36 -23.84 25.48
N PRO C 215 38.85 -23.73 24.23
CA PRO C 215 39.85 -24.71 23.75
C PRO C 215 41.04 -24.78 24.68
N SER C 216 41.22 -25.96 25.29
CA SER C 216 42.24 -26.16 26.31
C SER C 216 43.63 -26.36 25.71
N SER C 217 43.83 -26.03 24.44
CA SER C 217 45.13 -26.17 23.79
C SER C 217 45.97 -24.90 23.90
N SER C 218 45.46 -23.86 24.55
CA SER C 218 46.19 -22.60 24.71
C SER C 218 46.86 -22.50 26.08
N LEU C 219 46.56 -23.40 27.00
CA LEU C 219 47.19 -23.38 28.33
C LEU C 219 47.72 -24.76 28.69
N GLN D 23 17.03 2.42 -9.96
CA GLN D 23 15.99 3.28 -10.51
C GLN D 23 16.41 4.74 -10.43
N LEU D 24 16.05 5.52 -11.45
CA LEU D 24 16.42 6.93 -11.55
C LEU D 24 15.75 7.75 -10.45
N PRO D 25 16.40 8.82 -9.99
CA PRO D 25 15.79 9.66 -8.96
C PRO D 25 14.62 10.43 -9.53
N PRO D 26 13.66 10.82 -8.70
CA PRO D 26 12.51 11.59 -9.19
C PRO D 26 12.75 13.09 -9.14
N ALA D 27 11.99 13.80 -9.97
CA ALA D 27 12.07 15.25 -10.07
C ALA D 27 10.66 15.83 -9.94
N TYR D 28 10.61 17.06 -9.43
CA TYR D 28 9.36 17.73 -9.15
C TYR D 28 9.30 19.07 -9.86
N THR D 29 8.08 19.49 -10.21
CA THR D 29 7.85 20.75 -10.89
C THR D 29 6.56 21.37 -10.35
N ASN D 30 6.48 22.70 -10.41
CA ASN D 30 5.34 23.43 -9.88
C ASN D 30 4.14 23.27 -10.80
N SER D 31 2.97 23.03 -10.21
CA SER D 31 1.76 22.81 -10.99
C SER D 31 1.25 24.10 -11.62
N PHE D 32 1.38 25.21 -10.89
CA PHE D 32 0.81 26.50 -11.28
C PHE D 32 -0.71 26.40 -11.39
N THR D 33 -1.31 27.19 -12.28
CA THR D 33 -2.77 27.23 -12.43
C THR D 33 -3.18 26.30 -13.57
N ARG D 34 -3.08 25.00 -13.31
CA ARG D 34 -3.43 23.98 -14.30
C ARG D 34 -4.26 22.89 -13.64
N GLY D 35 -5.17 22.30 -14.41
CA GLY D 35 -5.94 21.16 -13.94
C GLY D 35 -7.41 21.42 -13.73
N VAL D 36 -7.90 22.57 -14.17
CA VAL D 36 -9.30 22.94 -13.97
C VAL D 36 -10.15 22.34 -15.07
N TYR D 37 -11.22 21.65 -14.69
CA TYR D 37 -12.11 20.99 -15.64
C TYR D 37 -13.56 21.34 -15.32
N TYR D 38 -14.43 21.04 -16.27
CA TYR D 38 -15.87 21.28 -16.09
C TYR D 38 -16.45 20.23 -15.14
N PRO D 39 -17.02 20.63 -14.01
CA PRO D 39 -17.52 19.64 -13.05
C PRO D 39 -18.75 18.90 -13.52
N ASP D 40 -19.71 19.62 -14.09
CA ASP D 40 -20.98 19.02 -14.47
C ASP D 40 -21.38 19.38 -15.90
N LYS D 41 -22.62 19.03 -16.28
CA LYS D 41 -23.11 19.22 -17.63
C LYS D 41 -24.24 20.25 -17.67
N VAL D 42 -24.22 21.23 -16.78
CA VAL D 42 -25.28 22.23 -16.70
C VAL D 42 -24.75 23.55 -17.25
N PHE D 43 -25.61 24.28 -17.95
CA PHE D 43 -25.25 25.53 -18.59
C PHE D 43 -25.33 26.67 -17.59
N ARG D 44 -24.22 27.41 -17.46
CA ARG D 44 -24.17 28.59 -16.59
C ARG D 44 -23.45 29.71 -17.33
N SER D 45 -24.09 30.87 -17.39
CA SER D 45 -23.55 32.02 -18.10
C SER D 45 -23.59 33.25 -17.20
N SER D 46 -22.46 33.94 -17.09
CA SER D 46 -22.34 35.20 -16.37
C SER D 46 -22.73 35.04 -14.90
N VAL D 47 -22.13 34.04 -14.24
CA VAL D 47 -22.32 33.81 -12.82
C VAL D 47 -20.98 33.45 -12.20
N LEU D 48 -20.94 33.48 -10.87
CA LEU D 48 -19.84 32.95 -10.07
C LEU D 48 -20.37 31.79 -9.24
N HIS D 49 -19.73 30.64 -9.34
CA HIS D 49 -20.24 29.43 -8.71
C HIS D 49 -19.18 28.81 -7.80
N SER D 50 -19.60 28.45 -6.60
CA SER D 50 -18.73 27.81 -5.61
C SER D 50 -19.04 26.32 -5.57
N THR D 51 -18.03 25.49 -5.78
CA THR D 51 -18.22 24.05 -5.90
C THR D 51 -17.22 23.31 -5.02
N GLN D 52 -17.72 22.32 -4.28
CA GLN D 52 -16.88 21.42 -3.50
C GLN D 52 -16.74 20.13 -4.29
N ASP D 53 -15.53 19.85 -4.79
CA ASP D 53 -15.31 18.70 -5.66
C ASP D 53 -13.84 18.32 -5.62
N LEU D 54 -13.50 17.32 -6.42
CA LEU D 54 -12.13 16.83 -6.48
C LEU D 54 -11.33 17.65 -7.49
N PHE D 55 -10.31 18.36 -7.01
CA PHE D 55 -9.55 19.27 -7.84
C PHE D 55 -8.07 19.15 -7.50
N LEU D 56 -7.24 19.61 -8.43
CA LEU D 56 -5.80 19.69 -8.20
C LEU D 56 -5.47 20.99 -7.47
N PRO D 57 -4.91 20.93 -6.26
CA PRO D 57 -4.60 22.17 -5.53
C PRO D 57 -3.60 23.03 -6.27
N PHE D 58 -3.77 24.34 -6.16
CA PHE D 58 -2.88 25.28 -6.83
C PHE D 58 -1.50 25.28 -6.19
N PHE D 59 -0.49 25.50 -7.03
CA PHE D 59 0.90 25.63 -6.58
C PHE D 59 1.38 24.37 -5.85
N SER D 60 1.01 23.22 -6.40
CA SER D 60 1.44 21.93 -5.89
C SER D 60 2.62 21.41 -6.70
N ASN D 61 3.33 20.45 -6.12
CA ASN D 61 4.48 19.83 -6.76
C ASN D 61 4.03 18.54 -7.42
N VAL D 62 4.43 18.36 -8.68
CA VAL D 62 4.08 17.17 -9.45
C VAL D 62 5.36 16.48 -9.89
N THR D 63 5.27 15.17 -10.11
CA THR D 63 6.43 14.36 -10.45
C THR D 63 6.64 14.31 -11.97
N TRP D 64 7.89 14.16 -12.36
CA TRP D 64 8.32 14.25 -13.74
C TRP D 64 9.11 13.00 -14.10
N PHE D 65 8.69 12.30 -15.15
CA PHE D 65 9.28 11.02 -15.51
C PHE D 65 10.05 11.12 -16.82
N HIS D 66 11.29 10.65 -16.81
CA HIS D 66 12.14 10.64 -17.98
C HIS D 66 12.25 9.22 -18.54
N VAL D 67 12.60 9.12 -19.82
CA VAL D 67 12.96 7.85 -20.43
C VAL D 67 14.35 8.00 -21.03
N ILE D 68 15.37 7.61 -20.27
CA ILE D 68 16.77 7.79 -20.66
C ILE D 68 17.39 6.40 -20.81
N SER D 69 18.21 6.24 -21.86
CA SER D 69 18.89 4.97 -22.10
C SER D 69 20.00 4.73 -21.09
N THR D 74 21.14 -5.19 -17.48
CA THR D 74 21.18 -3.76 -17.21
C THR D 74 20.11 -3.02 -18.00
N LYS D 75 18.94 -3.63 -18.12
CA LYS D 75 17.85 -3.01 -18.85
C LYS D 75 17.30 -1.80 -18.09
N ARG D 76 16.77 -0.84 -18.84
CA ARG D 76 16.22 0.37 -18.26
C ARG D 76 14.75 0.18 -17.92
N PHE D 77 14.38 0.62 -16.72
CA PHE D 77 13.01 0.53 -16.23
C PHE D 77 12.46 1.95 -16.09
N ASP D 78 11.88 2.47 -17.18
CA ASP D 78 11.35 3.82 -17.22
C ASP D 78 9.82 3.83 -17.23
N ASN D 79 9.18 2.71 -16.91
CA ASN D 79 7.73 2.60 -16.90
C ASN D 79 7.29 2.00 -15.56
N PRO D 80 7.22 2.82 -14.51
CA PRO D 80 6.76 2.32 -13.22
C PRO D 80 5.25 2.15 -13.18
N VAL D 81 4.80 1.42 -12.17
CA VAL D 81 3.38 1.27 -11.88
C VAL D 81 3.03 2.20 -10.73
N LEU D 82 2.04 3.06 -10.94
CA LEU D 82 1.76 4.15 -10.03
C LEU D 82 0.35 4.04 -9.45
N PRO D 83 0.12 4.57 -8.25
CA PRO D 83 -1.23 4.52 -7.68
C PRO D 83 -2.20 5.42 -8.43
N PHE D 84 -3.47 5.09 -8.35
CA PHE D 84 -4.53 5.87 -8.97
C PHE D 84 -5.21 6.84 -8.02
N ASN D 85 -5.35 6.45 -6.76
CA ASN D 85 -5.95 7.28 -5.70
C ASN D 85 -7.38 7.63 -6.13
N ASP D 86 -7.81 8.88 -6.01
CA ASP D 86 -9.18 9.27 -6.30
C ASP D 86 -9.31 9.97 -7.67
N GLY D 87 -8.26 9.93 -8.48
CA GLY D 87 -8.27 10.58 -9.77
C GLY D 87 -6.89 10.99 -10.20
N VAL D 88 -6.63 11.13 -11.49
CA VAL D 88 -5.28 11.37 -11.98
C VAL D 88 -5.30 12.52 -12.99
N TYR D 89 -4.30 13.39 -12.90
CA TYR D 89 -4.04 14.42 -13.90
C TYR D 89 -2.73 14.07 -14.61
N PHE D 90 -2.81 13.89 -15.93
CA PHE D 90 -1.69 13.41 -16.75
C PHE D 90 -1.35 14.48 -17.77
N ALA D 91 -0.06 14.70 -18.00
CA ALA D 91 0.37 15.69 -18.96
C ALA D 91 1.56 15.17 -19.75
N SER D 92 1.57 15.46 -21.06
CA SER D 92 2.68 15.04 -21.90
C SER D 92 3.03 16.16 -22.86
N ILE D 93 4.33 16.27 -23.16
CA ILE D 93 4.86 17.35 -23.99
C ILE D 93 5.70 16.74 -25.11
N GLU D 94 5.35 15.53 -25.52
CA GLU D 94 6.17 14.79 -26.48
C GLU D 94 6.27 15.51 -27.81
N LYS D 95 7.45 15.44 -28.42
CA LYS D 95 7.64 15.98 -29.77
C LYS D 95 6.99 15.07 -30.81
N SER D 96 7.18 13.77 -30.68
CA SER D 96 6.53 12.79 -31.55
C SER D 96 5.75 11.81 -30.68
N ASN D 97 4.89 11.02 -31.31
CA ASN D 97 3.98 10.14 -30.59
C ASN D 97 4.70 8.87 -30.17
N ILE D 98 5.07 8.79 -28.89
CA ILE D 98 5.63 7.57 -28.31
C ILE D 98 4.62 6.99 -27.34
N ILE D 99 3.83 7.85 -26.70
CA ILE D 99 2.87 7.40 -25.72
C ILE D 99 1.63 6.83 -26.39
N GLY D 101 -1.19 4.85 -25.22
CA GLY D 101 -2.23 4.15 -24.51
C GLY D 101 -2.01 4.03 -23.01
N TRP D 102 -2.94 3.37 -22.32
CA TRP D 102 -2.84 3.18 -20.89
C TRP D 102 -3.49 1.85 -20.49
N ILE D 103 -3.06 1.35 -19.34
CA ILE D 103 -3.68 0.20 -18.67
C ILE D 103 -4.14 0.65 -17.29
N PHE D 104 -5.36 0.30 -16.94
CA PHE D 104 -5.90 0.57 -15.62
C PHE D 104 -6.42 -0.72 -15.01
N GLY D 105 -6.23 -0.90 -13.71
CA GLY D 105 -6.73 -2.10 -13.08
C GLY D 105 -6.28 -2.20 -11.64
N THR D 106 -6.55 -3.36 -11.05
CA THR D 106 -6.22 -3.64 -9.66
C THR D 106 -5.02 -4.58 -9.53
N THR D 107 -5.08 -5.75 -10.16
CA THR D 107 -4.01 -6.74 -10.05
C THR D 107 -3.09 -6.78 -11.25
N LEU D 108 -3.57 -6.32 -12.42
CA LEU D 108 -2.79 -6.36 -13.66
C LEU D 108 -2.39 -7.79 -14.02
N ASP D 109 -3.31 -8.72 -13.82
CA ASP D 109 -3.11 -10.13 -14.17
C ASP D 109 -4.47 -10.71 -14.57
N SER D 110 -4.52 -12.02 -14.71
CA SER D 110 -5.72 -12.70 -15.20
C SER D 110 -6.76 -12.93 -14.11
N LYS D 111 -6.44 -12.66 -12.86
CA LYS D 111 -7.39 -12.89 -11.78
C LYS D 111 -8.50 -11.85 -11.74
N THR D 112 -8.29 -10.68 -12.33
CA THR D 112 -9.25 -9.58 -12.31
C THR D 112 -9.37 -8.98 -13.70
N GLN D 113 -10.28 -8.02 -13.83
CA GLN D 113 -10.54 -7.34 -15.09
C GLN D 113 -9.79 -6.01 -15.16
N SER D 114 -9.43 -5.62 -16.38
CA SER D 114 -8.63 -4.42 -16.59
C SER D 114 -9.16 -3.65 -17.78
N LEU D 115 -8.77 -2.38 -17.86
CA LEU D 115 -9.15 -1.48 -18.93
C LEU D 115 -7.94 -1.12 -19.76
N LEU D 116 -8.05 -1.33 -21.07
CA LEU D 116 -6.96 -1.04 -22.01
C LEU D 116 -7.41 0.00 -23.00
N ILE D 117 -6.60 1.05 -23.16
CA ILE D 117 -6.84 2.11 -24.14
C ILE D 117 -5.63 2.19 -25.05
N VAL D 118 -5.83 1.97 -26.35
CA VAL D 118 -4.74 1.97 -27.31
C VAL D 118 -5.10 2.92 -28.45
N ASN D 119 -4.16 3.78 -28.82
CA ASN D 119 -4.34 4.79 -29.87
C ASN D 119 -3.63 4.31 -31.13
N ASN D 120 -4.32 3.52 -31.93
CA ASN D 120 -3.80 3.04 -33.20
C ASN D 120 -3.74 4.20 -34.20
N ALA D 121 -3.03 3.97 -35.30
CA ALA D 121 -2.77 5.01 -36.29
C ALA D 121 -4.05 5.63 -36.86
N THR D 122 -5.11 4.85 -36.97
CA THR D 122 -6.36 5.31 -37.56
C THR D 122 -7.51 5.40 -36.57
N ASN D 123 -7.58 4.48 -35.61
CA ASN D 123 -8.69 4.42 -34.67
C ASN D 123 -8.17 4.18 -33.26
N VAL D 124 -9.02 4.45 -32.27
CA VAL D 124 -8.74 4.08 -30.89
C VAL D 124 -9.49 2.80 -30.56
N VAL D 125 -8.93 2.03 -29.64
CA VAL D 125 -9.57 0.81 -29.14
C VAL D 125 -9.60 0.87 -27.63
N ILE D 126 -10.79 0.70 -27.06
CA ILE D 126 -10.98 0.63 -25.62
C ILE D 126 -11.62 -0.72 -25.30
N LYS D 127 -10.96 -1.50 -24.45
CA LYS D 127 -11.44 -2.84 -24.13
C LYS D 127 -11.39 -3.09 -22.63
N VAL D 128 -12.33 -3.90 -22.15
CA VAL D 128 -12.41 -4.32 -20.76
C VAL D 128 -12.49 -5.83 -20.76
N CYS D 129 -11.37 -6.50 -20.45
CA CYS D 129 -11.33 -7.94 -20.39
C CYS D 129 -10.41 -8.36 -19.26
N GLU D 130 -10.32 -9.68 -19.05
CA GLU D 130 -9.33 -10.28 -18.17
C GLU D 130 -8.08 -10.53 -18.99
N PHE D 131 -7.03 -9.74 -18.74
CA PHE D 131 -5.82 -9.78 -19.53
C PHE D 131 -4.71 -10.47 -18.77
N GLN D 132 -3.71 -10.94 -19.50
CA GLN D 132 -2.47 -11.44 -18.92
C GLN D 132 -1.33 -10.62 -19.55
N PHE D 133 -0.90 -9.59 -18.84
CA PHE D 133 0.03 -8.62 -19.38
C PHE D 133 1.47 -9.09 -19.21
N CYS D 134 2.32 -8.72 -20.17
CA CYS D 134 3.72 -9.10 -20.15
C CYS D 134 4.47 -8.26 -19.13
N ASN D 135 5.70 -8.69 -18.83
CA ASN D 135 6.55 -7.95 -17.90
C ASN D 135 6.89 -6.57 -18.45
N ASP D 136 7.14 -6.47 -19.75
CA ASP D 136 7.41 -5.20 -20.43
C ASP D 136 6.38 -5.04 -21.54
N PRO D 137 5.25 -4.40 -21.28
CA PRO D 137 4.22 -4.25 -22.31
C PRO D 137 4.52 -3.13 -23.29
N PHE D 138 5.35 -3.43 -24.30
CA PHE D 138 5.74 -2.42 -25.27
C PHE D 138 4.92 -2.56 -26.54
N LEU D 139 5.16 -1.66 -27.49
CA LEU D 139 4.45 -1.62 -28.75
C LEU D 139 5.44 -1.70 -29.90
N ASP D 140 4.94 -2.04 -31.08
CA ASP D 140 5.75 -2.14 -32.29
C ASP D 140 5.35 -1.02 -33.24
N HIS D 141 6.34 -0.28 -33.73
CA HIS D 141 6.10 0.82 -34.66
C HIS D 141 6.39 0.39 -36.09
N GLU D 151 2.83 -5.40 -32.17
CA GLU D 151 1.72 -4.51 -31.86
C GLU D 151 0.86 -5.07 -30.73
N PHE D 152 0.61 -6.38 -30.79
CA PHE D 152 -0.17 -7.05 -29.75
C PHE D 152 0.74 -7.67 -28.70
N ARG D 153 1.93 -7.11 -28.55
CA ARG D 153 2.91 -7.64 -27.59
C ARG D 153 2.63 -7.13 -26.19
N VAL D 154 1.43 -6.59 -25.97
CA VAL D 154 1.03 -6.14 -24.65
C VAL D 154 0.50 -7.28 -23.78
N TYR D 155 -0.24 -8.21 -24.34
CA TYR D 155 -0.86 -9.27 -23.56
C TYR D 155 -0.66 -10.61 -24.25
N SER D 156 -0.57 -11.67 -23.45
CA SER D 156 -0.47 -13.03 -23.96
C SER D 156 -1.82 -13.73 -24.05
N SER D 157 -2.77 -13.33 -23.21
CA SER D 157 -4.13 -13.86 -23.28
C SER D 157 -5.11 -12.79 -22.86
N ALA D 158 -6.31 -12.85 -23.42
CA ALA D 158 -7.37 -11.89 -23.12
C ALA D 158 -8.70 -12.63 -23.20
N ASN D 159 -9.31 -12.88 -22.04
CA ASN D 159 -10.53 -13.67 -21.97
C ASN D 159 -11.61 -12.89 -21.23
N ASN D 160 -12.86 -13.31 -21.44
CA ASN D 160 -14.02 -12.72 -20.78
C ASN D 160 -14.14 -11.23 -21.11
N CYS D 161 -14.31 -10.93 -22.39
CA CYS D 161 -14.41 -9.54 -22.83
C CYS D 161 -15.85 -9.05 -22.72
N THR D 162 -16.03 -7.92 -22.04
CA THR D 162 -17.36 -7.41 -21.74
C THR D 162 -17.55 -5.95 -22.15
N PHE D 163 -16.64 -5.40 -22.95
CA PHE D 163 -16.76 -4.03 -23.44
C PHE D 163 -15.80 -3.83 -24.59
N GLU D 164 -16.18 -3.00 -25.55
CA GLU D 164 -15.37 -2.79 -26.73
C GLU D 164 -15.85 -1.51 -27.43
N TYR D 165 -14.92 -0.60 -27.67
CA TYR D 165 -15.28 0.72 -28.21
C TYR D 165 -14.22 1.15 -29.21
N VAL D 166 -14.67 1.60 -30.39
CA VAL D 166 -13.80 2.14 -31.44
C VAL D 166 -14.31 3.51 -31.83
N SER D 167 -13.38 4.47 -31.95
CA SER D 167 -13.73 5.82 -32.36
C SER D 167 -12.49 6.49 -32.93
N GLN D 168 -12.61 7.79 -33.19
CA GLN D 168 -11.56 8.56 -33.82
C GLN D 168 -10.35 8.71 -32.89
N PRO D 169 -9.16 8.90 -33.44
CA PRO D 169 -7.97 9.07 -32.60
C PRO D 169 -8.09 10.27 -31.69
N PHE D 170 -7.52 10.14 -30.48
CA PHE D 170 -7.57 11.20 -29.49
C PHE D 170 -6.76 12.43 -29.90
N LEU D 171 -5.91 12.31 -30.91
CA LEU D 171 -5.11 13.44 -31.36
C LEU D 171 -5.97 14.49 -32.05
N PHE D 181 5.30 20.14 -35.24
CA PHE D 181 5.66 20.95 -34.08
C PHE D 181 5.43 20.16 -32.79
N LYS D 182 5.65 20.83 -31.65
CA LYS D 182 5.46 20.22 -30.34
C LYS D 182 4.19 20.74 -29.70
N ASN D 183 3.47 19.85 -29.02
CA ASN D 183 2.19 20.19 -28.42
C ASN D 183 2.13 19.62 -27.00
N LEU D 184 1.34 20.28 -26.17
CA LEU D 184 1.13 19.86 -24.78
C LEU D 184 -0.27 19.26 -24.67
N ARG D 185 -0.34 17.98 -24.36
CA ARG D 185 -1.61 17.26 -24.27
C ARG D 185 -1.88 16.90 -22.82
N GLU D 186 -3.06 17.26 -22.33
CA GLU D 186 -3.41 17.11 -20.93
C GLU D 186 -4.69 16.30 -20.80
N PHE D 187 -4.70 15.38 -19.84
CA PHE D 187 -5.83 14.51 -19.59
C PHE D 187 -6.14 14.49 -18.09
N VAL D 188 -7.41 14.27 -17.77
CA VAL D 188 -7.85 14.02 -16.41
C VAL D 188 -8.71 12.76 -16.42
N PHE D 189 -8.35 11.80 -15.58
CA PHE D 189 -9.05 10.52 -15.46
C PHE D 189 -9.75 10.46 -14.11
N LYS D 190 -11.03 10.14 -14.14
CA LYS D 190 -11.81 9.95 -12.92
C LYS D 190 -12.61 8.66 -13.02
N ASN D 191 -12.90 8.07 -11.86
CA ASN D 191 -13.65 6.81 -11.78
C ASN D 191 -14.66 6.96 -10.65
N ILE D 192 -15.90 7.29 -10.98
CA ILE D 192 -16.90 7.61 -9.98
C ILE D 192 -18.23 6.98 -10.34
N ASP D 193 -18.92 6.44 -9.33
CA ASP D 193 -20.26 5.84 -9.42
C ASP D 193 -20.42 4.98 -10.68
N GLY D 194 -19.47 4.06 -10.86
CA GLY D 194 -19.56 3.14 -11.99
C GLY D 194 -19.46 3.80 -13.34
N TYR D 195 -18.61 4.82 -13.45
CA TYR D 195 -18.41 5.55 -14.69
C TYR D 195 -16.97 6.01 -14.76
N PHE D 196 -16.34 5.79 -15.91
CA PHE D 196 -14.97 6.23 -16.15
C PHE D 196 -15.03 7.48 -17.04
N LYS D 197 -14.52 8.59 -16.52
CA LYS D 197 -14.67 9.89 -17.16
C LYS D 197 -13.30 10.39 -17.59
N ILE D 198 -13.19 10.82 -18.85
CA ILE D 198 -11.95 11.34 -19.41
C ILE D 198 -12.18 12.78 -19.86
N TYR D 199 -11.27 13.67 -19.46
CA TYR D 199 -11.28 15.06 -19.91
C TYR D 199 -9.96 15.34 -20.61
N SER D 200 -10.00 16.08 -21.72
CA SER D 200 -8.81 16.27 -22.53
C SER D 200 -8.67 17.72 -22.96
N LYS D 201 -7.43 18.12 -23.20
CA LYS D 201 -7.12 19.45 -23.72
C LYS D 201 -5.82 19.38 -24.51
N HIS D 202 -5.75 20.13 -25.61
CA HIS D 202 -4.59 20.15 -26.50
C HIS D 202 -4.34 21.58 -26.94
N THR D 203 -3.17 22.12 -26.60
CA THR D 203 -2.82 23.49 -26.91
C THR D 203 -1.44 23.55 -27.55
N PRO D 204 -1.29 24.16 -28.73
CA PRO D 204 0.04 24.39 -29.28
C PRO D 204 0.84 25.32 -28.38
N ILE D 205 2.14 25.06 -28.30
CA ILE D 205 3.00 25.74 -27.34
C ILE D 205 3.22 27.18 -27.79
N ARG D 208 8.21 30.07 -24.99
CA ARG D 208 9.49 29.67 -25.56
C ARG D 208 10.25 28.74 -24.62
N GLU D 209 10.23 29.02 -23.32
CA GLU D 209 10.98 28.23 -22.36
C GLU D 209 10.15 27.04 -21.89
N PRO D 210 10.58 25.81 -22.15
CA PRO D 210 9.84 24.63 -21.69
C PRO D 210 10.27 24.10 -20.33
N GLU D 211 11.08 24.85 -19.57
CA GLU D 211 11.58 24.35 -18.30
C GLU D 211 10.45 24.12 -17.30
N ASP D 212 9.49 25.04 -17.25
CA ASP D 212 8.38 24.96 -16.31
C ASP D 212 7.06 24.97 -17.06
N LEU D 213 6.02 24.43 -16.41
CA LEU D 213 4.69 24.42 -17.01
C LEU D 213 4.20 25.85 -17.17
N PRO D 214 3.48 26.17 -18.25
CA PRO D 214 3.13 27.56 -18.54
C PRO D 214 2.20 28.14 -17.49
N GLN D 215 2.32 29.45 -17.29
CA GLN D 215 1.45 30.21 -16.40
C GLN D 215 0.29 30.77 -17.22
N GLY D 216 -0.86 30.11 -17.14
CA GLY D 216 -2.03 30.53 -17.90
C GLY D 216 -3.21 29.67 -17.48
N PHE D 217 -4.38 30.06 -17.98
CA PHE D 217 -5.62 29.39 -17.60
C PHE D 217 -6.26 28.76 -18.83
N SER D 218 -6.61 27.49 -18.72
CA SER D 218 -7.36 26.78 -19.75
C SER D 218 -8.17 25.69 -19.08
N ALA D 219 -9.40 25.48 -19.56
CA ALA D 219 -10.33 24.53 -18.98
C ALA D 219 -10.38 23.27 -19.84
N LEU D 220 -10.32 22.12 -19.20
CA LEU D 220 -10.39 20.84 -19.90
C LEU D 220 -11.83 20.48 -20.21
N GLU D 221 -12.06 19.98 -21.43
CA GLU D 221 -13.41 19.70 -21.90
C GLU D 221 -13.71 18.22 -21.88
N PRO D 222 -14.97 17.82 -21.70
CA PRO D 222 -15.31 16.40 -21.66
C PRO D 222 -15.01 15.70 -22.98
N LEU D 223 -14.54 14.46 -22.87
CA LEU D 223 -14.28 13.62 -24.04
C LEU D 223 -15.15 12.38 -24.07
N VAL D 224 -15.08 11.52 -23.05
CA VAL D 224 -15.76 10.23 -23.06
C VAL D 224 -16.19 9.90 -21.63
N ASP D 225 -17.35 9.26 -21.50
CA ASP D 225 -17.88 8.76 -20.24
C ASP D 225 -18.26 7.29 -20.41
N LEU D 226 -17.31 6.39 -20.19
CA LEU D 226 -17.48 4.95 -20.38
C LEU D 226 -18.24 4.33 -19.22
N PRO D 227 -19.27 3.53 -19.51
CA PRO D 227 -20.07 2.88 -18.44
C PRO D 227 -19.52 1.51 -18.04
N ILE D 228 -18.28 1.49 -17.59
CA ILE D 228 -17.69 0.27 -17.05
C ILE D 228 -17.94 0.23 -15.54
N GLY D 229 -17.78 -0.96 -14.96
CA GLY D 229 -18.06 -1.13 -13.55
C GLY D 229 -16.96 -1.81 -12.75
N ILE D 230 -15.70 -1.51 -13.06
CA ILE D 230 -14.58 -2.20 -12.42
C ILE D 230 -13.95 -1.30 -11.37
N ASN D 231 -13.12 -1.89 -10.50
CA ASN D 231 -12.38 -1.18 -9.48
C ASN D 231 -10.97 -0.91 -9.97
N ILE D 232 -10.47 0.31 -9.71
CA ILE D 232 -9.17 0.73 -10.20
C ILE D 232 -8.35 1.29 -9.05
N THR D 233 -7.15 0.73 -8.85
CA THR D 233 -6.18 1.25 -7.90
C THR D 233 -4.78 1.39 -8.45
N ARG D 234 -4.51 0.92 -9.67
CA ARG D 234 -3.20 0.99 -10.29
C ARG D 234 -3.37 1.31 -11.77
N PHE D 235 -2.35 1.96 -12.33
CA PHE D 235 -2.38 2.31 -13.75
C PHE D 235 -0.95 2.37 -14.27
N GLN D 236 -0.80 2.16 -15.59
CA GLN D 236 0.49 2.16 -16.24
C GLN D 236 0.36 2.73 -17.65
N THR D 237 1.49 3.23 -18.17
CA THR D 237 1.57 3.88 -19.47
C THR D 237 2.29 2.98 -20.45
N LEU D 238 1.91 3.07 -21.73
CA LEU D 238 2.47 2.24 -22.79
C LEU D 238 3.34 3.11 -23.68
N LEU D 239 4.52 2.60 -24.02
CA LEU D 239 5.46 3.28 -24.89
C LEU D 239 5.77 2.40 -26.10
N ALA D 240 5.87 3.03 -27.26
CA ALA D 240 6.17 2.31 -28.49
C ALA D 240 7.67 2.42 -28.78
N LEU D 241 8.31 1.26 -28.99
CA LEU D 241 9.75 1.18 -29.21
C LEU D 241 10.02 0.83 -30.66
N HIS D 242 10.69 1.72 -31.37
CA HIS D 242 11.08 1.44 -32.75
C HIS D 242 12.20 0.40 -32.76
N ARG D 243 12.06 -0.61 -33.60
CA ARG D 243 13.02 -1.70 -33.64
C ARG D 243 14.38 -1.20 -34.14
N SER D 244 15.45 -1.64 -33.48
CA SER D 244 16.78 -1.24 -33.87
C SER D 244 17.21 -1.94 -35.15
N TYR D 245 17.91 -1.21 -36.01
CA TYR D 245 18.39 -1.75 -37.27
C TYR D 245 19.73 -2.47 -37.08
N THR D 256 16.20 1.11 -27.26
CA THR D 256 15.35 2.12 -27.90
C THR D 256 14.70 3.03 -26.87
N ALA D 257 14.91 4.33 -27.04
CA ALA D 257 14.36 5.33 -26.13
C ALA D 257 13.96 6.55 -26.94
N GLY D 258 13.66 7.65 -26.23
CA GLY D 258 13.28 8.88 -26.89
C GLY D 258 12.96 9.94 -25.87
N ALA D 259 12.53 11.09 -26.37
CA ALA D 259 12.19 12.24 -25.52
C ALA D 259 10.78 12.08 -24.94
N ALA D 260 10.61 11.00 -24.16
CA ALA D 260 9.32 10.68 -23.55
C ALA D 260 9.35 11.16 -22.11
N ALA D 261 8.73 12.31 -21.87
CA ALA D 261 8.62 12.89 -20.55
C ALA D 261 7.14 13.17 -20.25
N TYR D 262 6.70 12.84 -19.04
CA TYR D 262 5.32 13.08 -18.66
C TYR D 262 5.23 13.45 -17.19
N TYR D 263 4.09 14.05 -16.85
CA TYR D 263 3.79 14.59 -15.53
C TYR D 263 2.54 13.94 -14.97
N VAL D 264 2.58 13.55 -13.70
CA VAL D 264 1.48 12.88 -13.02
C VAL D 264 1.14 13.65 -11.74
N GLY D 265 -0.15 13.87 -11.51
CA GLY D 265 -0.59 14.53 -10.30
C GLY D 265 -1.89 13.94 -9.80
N TYR D 266 -2.19 14.21 -8.53
CA TYR D 266 -3.31 13.58 -7.83
C TYR D 266 -4.27 14.63 -7.31
N LEU D 267 -5.56 14.33 -7.39
CA LEU D 267 -6.62 15.25 -7.01
C LEU D 267 -6.97 15.10 -5.53
N GLN D 268 -7.52 16.16 -4.95
CA GLN D 268 -7.92 16.19 -3.55
C GLN D 268 -9.27 16.88 -3.43
N PRO D 269 -10.05 16.56 -2.40
CA PRO D 269 -11.32 17.27 -2.16
C PRO D 269 -11.07 18.70 -1.72
N ARG D 270 -11.58 19.65 -2.51
CA ARG D 270 -11.36 21.07 -2.24
C ARG D 270 -12.55 21.85 -2.77
N THR D 271 -12.67 23.09 -2.31
CA THR D 271 -13.72 23.99 -2.75
C THR D 271 -13.11 25.08 -3.62
N PHE D 272 -13.73 25.33 -4.78
CA PHE D 272 -13.24 26.26 -5.79
C PHE D 272 -14.32 27.27 -6.10
N LEU D 273 -13.89 28.44 -6.58
CA LEU D 273 -14.82 29.45 -7.07
C LEU D 273 -14.52 29.70 -8.54
N LEU D 274 -15.51 29.47 -9.40
CA LEU D 274 -15.35 29.50 -10.85
C LEU D 274 -16.19 30.61 -11.44
N LYS D 275 -15.64 31.28 -12.46
CA LYS D 275 -16.34 32.34 -13.17
C LYS D 275 -16.73 31.86 -14.56
N TYR D 276 -18.00 32.07 -14.91
CA TYR D 276 -18.54 31.67 -16.20
C TYR D 276 -18.83 32.91 -17.02
N ASN D 277 -18.46 32.88 -18.30
CA ASN D 277 -18.71 34.01 -19.18
C ASN D 277 -20.06 33.84 -19.87
N GLU D 278 -20.41 34.80 -20.73
CA GLU D 278 -21.73 34.81 -21.34
C GLU D 278 -21.96 33.63 -22.29
N ASN D 279 -20.90 33.04 -22.83
CA ASN D 279 -21.02 31.91 -23.74
C ASN D 279 -20.88 30.56 -23.04
N GLY D 280 -20.74 30.55 -21.72
CA GLY D 280 -20.65 29.31 -20.98
C GLY D 280 -19.24 28.81 -20.72
N THR D 281 -18.22 29.59 -21.03
CA THR D 281 -16.82 29.18 -20.87
C THR D 281 -16.28 29.66 -19.54
N ILE D 282 -15.51 28.82 -18.87
CA ILE D 282 -14.85 29.18 -17.63
C ILE D 282 -13.65 30.06 -17.97
N THR D 283 -13.59 31.23 -17.35
CA THR D 283 -12.51 32.19 -17.61
C THR D 283 -11.53 32.31 -16.45
N ASP D 284 -12.01 32.33 -15.21
CA ASP D 284 -11.14 32.43 -14.04
C ASP D 284 -11.59 31.44 -12.97
N ALA D 285 -10.65 31.07 -12.12
CA ALA D 285 -10.92 30.18 -11.00
C ALA D 285 -9.99 30.55 -9.85
N VAL D 286 -10.51 30.45 -8.62
CA VAL D 286 -9.73 30.73 -7.43
C VAL D 286 -9.91 29.60 -6.43
N ASP D 287 -8.82 29.27 -5.73
CA ASP D 287 -8.80 28.24 -4.70
C ASP D 287 -9.02 28.89 -3.35
N CYS D 288 -9.97 28.35 -2.58
CA CYS D 288 -10.37 28.98 -1.33
C CYS D 288 -9.33 28.79 -0.23
N ALA D 289 -8.75 27.61 -0.13
CA ALA D 289 -7.84 27.27 0.96
C ALA D 289 -6.39 27.57 0.63
N LEU D 290 -6.12 28.22 -0.51
CA LEU D 290 -4.74 28.48 -0.91
C LEU D 290 -4.05 29.44 0.04
N ASP D 291 -4.68 30.58 0.32
CA ASP D 291 -4.04 31.64 1.09
C ASP D 291 -5.12 32.44 1.79
N PRO D 292 -4.77 33.18 2.84
CA PRO D 292 -5.77 34.03 3.51
C PRO D 292 -6.41 35.05 2.60
N LEU D 293 -5.69 35.56 1.60
CA LEU D 293 -6.26 36.54 0.69
C LEU D 293 -7.43 35.95 -0.10
N SER D 294 -7.28 34.72 -0.60
CA SER D 294 -8.37 34.07 -1.33
C SER D 294 -9.52 33.66 -0.42
N GLU D 295 -9.26 33.49 0.87
CA GLU D 295 -10.34 33.17 1.81
C GLU D 295 -11.37 34.30 1.88
N THR D 296 -10.91 35.55 1.86
CA THR D 296 -11.83 36.67 1.86
C THR D 296 -12.69 36.68 0.61
N LYS D 297 -12.10 36.39 -0.55
CA LYS D 297 -12.86 36.35 -1.79
C LYS D 297 -13.88 35.22 -1.78
N CYS D 298 -13.51 34.07 -1.21
CA CYS D 298 -14.43 32.94 -1.17
C CYS D 298 -15.57 33.18 -0.19
N THR D 299 -15.27 33.82 0.95
CA THR D 299 -16.29 34.02 1.98
C THR D 299 -17.40 34.95 1.49
N LEU D 300 -17.05 36.01 0.77
CA LEU D 300 -18.00 37.00 0.27
C LEU D 300 -18.84 37.60 1.41
#